data_3WC2
#
_entry.id   3WC2
#
_cell.length_a   96.740
_cell.length_b   96.740
_cell.length_c   299.360
_cell.angle_alpha   90.000
_cell.angle_beta   90.000
_cell.angle_gamma   120.000
#
_symmetry.space_group_name_H-M   'P 31 2 1'
#
loop_
_entity.id
_entity.type
_entity.pdbx_description
1 polymer 'Likely histidyl tRNA-specific guanylyltransferase'
2 polymer 76mer-tRNA
#
loop_
_entity_poly.entity_id
_entity_poly.type
_entity_poly.pdbx_seq_one_letter_code
_entity_poly.pdbx_strand_id
1 'polypeptide(L)'
;GGSMANSKYEYVKLFEKENYLLPDTYIIIRVDGKGFHKFSQFYEFEKPNDLKALQVMNSAAEKLMSKYSDVMLAYGDSDE
YSFLLRKNCQLYERREMKLTTLFSSLMSTYYMYFWSQYFPDKPLHIDHLPNFDARAVLYPDFKHIRNYFSWRQVDCHINN
LYNTTFWNLVLKLKMTPQQAEQRLMGTVASDKNEILFKECGVNYNNESEMYKKGTIIVREFENYETEDEAELSKRQVQRL
EKKRKKAELKIYHVDIINDDSWWKSRPWLKD
;
A,B,C,D
2 'polyribonucleotide' GCGGAUUUAGCUCAGUUGGGAGAGCGCCAGACUGUGGAUCUGGAGGUCCUGUGUUCGAUCCACAGAAUUCGCACCA P,Q
#
# COMPACT_ATOMS: atom_id res chain seq x y z
N SER A 7 17.98 -14.89 -18.10
CA SER A 7 16.83 -15.78 -18.30
C SER A 7 15.66 -15.00 -18.89
N LYS A 8 14.85 -15.68 -19.71
CA LYS A 8 13.72 -15.04 -20.38
C LYS A 8 12.47 -15.08 -19.52
N TYR A 9 12.59 -15.70 -18.35
CA TYR A 9 11.45 -15.86 -17.47
C TYR A 9 11.58 -15.04 -16.19
N GLU A 10 12.78 -14.58 -15.87
CA GLU A 10 13.00 -13.85 -14.61
C GLU A 10 12.20 -12.51 -14.54
N TYR A 11 11.75 -12.03 -15.68
CA TYR A 11 11.05 -10.74 -15.74
C TYR A 11 9.82 -10.72 -14.83
N VAL A 12 9.22 -11.88 -14.61
CA VAL A 12 8.03 -11.97 -13.76
C VAL A 12 8.32 -11.50 -12.34
N LYS A 13 9.59 -11.57 -11.94
CA LYS A 13 10.03 -11.14 -10.61
C LYS A 13 9.72 -9.66 -10.39
N LEU A 14 9.58 -8.93 -11.50
CA LEU A 14 9.27 -7.51 -11.46
C LEU A 14 7.85 -7.19 -10.98
N PHE A 15 7.00 -8.21 -10.88
CA PHE A 15 5.63 -7.98 -10.45
C PHE A 15 5.49 -7.95 -8.92
N GLU A 16 6.56 -8.28 -8.22
CA GLU A 16 6.54 -8.26 -6.76
C GLU A 16 6.57 -6.84 -6.20
N LYS A 17 5.84 -6.63 -5.12
CA LYS A 17 5.79 -5.36 -4.41
C LYS A 17 6.15 -5.52 -2.93
N GLU A 18 7.23 -4.89 -2.48
CA GLU A 18 7.56 -4.92 -1.06
C GLU A 18 7.04 -3.69 -0.33
N ASN A 19 6.72 -3.87 0.95
CA ASN A 19 6.25 -2.78 1.80
C ASN A 19 7.13 -2.61 3.03
N TYR A 20 7.94 -1.56 3.04
CA TYR A 20 8.80 -1.28 4.16
C TYR A 20 8.07 -0.43 5.20
N LEU A 21 7.98 -0.92 6.43
CA LEU A 21 7.30 -0.19 7.49
C LEU A 21 8.03 1.10 7.84
N LEU A 22 7.27 2.19 7.93
CA LEU A 22 7.78 3.51 8.32
C LEU A 22 8.80 3.44 9.47
N PRO A 23 10.00 3.97 9.24
CA PRO A 23 11.11 3.98 10.21
C PRO A 23 10.81 4.75 11.50
N ASP A 24 11.58 4.45 12.54
CA ASP A 24 11.49 5.12 13.84
C ASP A 24 10.06 5.06 14.41
N THR A 25 9.37 3.96 14.16
CA THR A 25 8.01 3.75 14.66
C THR A 25 7.91 2.45 15.44
N TYR A 26 7.15 2.47 16.53
CA TYR A 26 6.96 1.27 17.33
C TYR A 26 6.17 0.27 16.50
N ILE A 27 6.59 -0.99 16.50
CA ILE A 27 5.85 -1.99 15.72
C ILE A 27 5.13 -3.00 16.58
N ILE A 28 3.84 -3.20 16.36
CA ILE A 28 3.17 -4.30 17.04
C ILE A 28 2.78 -5.38 16.06
N ILE A 29 3.23 -6.60 16.30
CA ILE A 29 2.76 -7.72 15.50
C ILE A 29 1.85 -8.59 16.36
N ARG A 30 0.59 -8.69 15.95
CA ARG A 30 -0.35 -9.50 16.70
C ARG A 30 -0.66 -10.77 15.93
N VAL A 31 -0.46 -11.91 16.60
CA VAL A 31 -0.78 -13.20 16.04
C VAL A 31 -2.03 -13.74 16.71
N ASP A 32 -2.86 -14.43 15.94
CA ASP A 32 -4.15 -14.88 16.45
C ASP A 32 -4.48 -16.28 15.94
N GLY A 33 -4.86 -17.14 16.89
CA GLY A 33 -5.26 -18.51 16.61
C GLY A 33 -6.42 -18.64 15.64
N LYS A 34 -6.24 -19.48 14.63
CA LYS A 34 -7.28 -19.70 13.63
C LYS A 34 -8.32 -20.71 14.12
N GLY A 35 -9.55 -20.25 14.31
CA GLY A 35 -10.66 -21.09 14.73
C GLY A 35 -10.41 -21.90 15.98
N PHE A 36 -9.79 -21.27 16.98
CA PHE A 36 -9.42 -21.97 18.22
C PHE A 36 -10.56 -22.31 19.17
N HIS A 37 -11.77 -21.84 18.90
CA HIS A 37 -12.91 -22.30 19.66
C HIS A 37 -13.15 -23.76 19.28
N LYS A 38 -13.19 -24.00 17.98
CA LYS A 38 -13.34 -25.34 17.43
C LYS A 38 -12.14 -26.20 17.83
N PHE A 39 -10.96 -25.59 17.85
CA PHE A 39 -9.74 -26.27 18.29
C PHE A 39 -9.85 -26.71 19.75
N SER A 40 -10.38 -25.82 20.59
CA SER A 40 -10.58 -26.13 22.00
C SER A 40 -11.61 -27.23 22.17
N GLN A 41 -12.59 -27.27 21.27
CA GLN A 41 -13.61 -28.30 21.35
C GLN A 41 -13.06 -29.67 20.97
N PHE A 42 -12.34 -29.72 19.85
CA PHE A 42 -11.79 -30.97 19.36
C PHE A 42 -10.86 -31.65 20.35
N TYR A 43 -10.00 -30.86 20.99
CA TYR A 43 -9.06 -31.41 21.94
C TYR A 43 -9.61 -31.33 23.34
N GLU A 44 -10.91 -31.05 23.43
CA GLU A 44 -11.64 -31.06 24.69
C GLU A 44 -10.98 -30.20 25.77
N PHE A 45 -10.79 -28.92 25.47
CA PHE A 45 -10.21 -27.98 26.43
C PHE A 45 -11.11 -27.81 27.64
N GLU A 46 -10.50 -27.62 28.79
CA GLU A 46 -11.25 -27.30 30.00
C GLU A 46 -11.90 -25.94 29.87
N LYS A 47 -13.11 -25.80 30.42
CA LYS A 47 -13.82 -24.53 30.40
C LYS A 47 -14.11 -24.09 31.84
N PRO A 48 -14.05 -22.77 32.10
CA PRO A 48 -13.76 -21.71 31.13
C PRO A 48 -12.29 -21.65 30.69
N ASN A 49 -11.36 -22.01 31.57
CA ASN A 49 -9.95 -21.90 31.25
C ASN A 49 -9.14 -23.18 31.45
N ASP A 50 -8.41 -23.60 30.42
CA ASP A 50 -7.51 -24.75 30.50
C ASP A 50 -6.06 -24.28 30.71
N LEU A 51 -5.51 -24.52 31.90
CA LEU A 51 -4.19 -24.04 32.27
C LEU A 51 -3.04 -24.47 31.35
N LYS A 52 -2.96 -25.77 31.08
CA LYS A 52 -1.86 -26.34 30.30
C LYS A 52 -1.76 -25.79 28.88
N ALA A 53 -2.90 -25.57 28.24
CA ALA A 53 -2.91 -24.99 26.91
C ALA A 53 -2.34 -23.58 26.92
N LEU A 54 -2.72 -22.82 27.94
CA LEU A 54 -2.25 -21.44 28.09
C LEU A 54 -0.75 -21.46 28.37
N GLN A 55 -0.30 -22.54 28.99
CA GLN A 55 1.11 -22.72 29.25
C GLN A 55 1.85 -23.05 27.96
N VAL A 56 1.16 -23.72 27.05
CA VAL A 56 1.72 -23.99 25.72
C VAL A 56 1.91 -22.66 24.98
N MET A 57 0.86 -21.83 25.01
CA MET A 57 0.92 -20.50 24.39
C MET A 57 2.06 -19.66 24.95
N ASN A 58 2.13 -19.60 26.28
CA ASN A 58 3.15 -18.81 26.95
C ASN A 58 4.56 -19.32 26.67
N SER A 59 4.72 -20.63 26.61
CA SER A 59 6.02 -21.24 26.31
C SER A 59 6.47 -20.88 24.89
N ALA A 60 5.55 -21.03 23.94
CA ALA A 60 5.82 -20.71 22.55
C ALA A 60 6.22 -19.24 22.39
N ALA A 61 5.42 -18.37 23.00
CA ALA A 61 5.67 -16.93 22.93
C ALA A 61 7.01 -16.55 23.57
N GLU A 62 7.29 -17.12 24.73
CA GLU A 62 8.54 -16.83 25.44
C GLU A 62 9.76 -17.28 24.65
N LYS A 63 9.67 -18.46 24.03
CA LYS A 63 10.76 -18.96 23.19
C LYS A 63 10.97 -18.03 22.01
N LEU A 64 9.86 -17.60 21.42
CA LEU A 64 9.90 -16.66 20.29
C LEU A 64 10.60 -15.37 20.68
N MET A 65 10.19 -14.80 21.81
CA MET A 65 10.77 -13.57 22.33
C MET A 65 12.26 -13.76 22.63
N SER A 66 12.61 -14.96 23.07
CA SER A 66 13.99 -15.30 23.36
C SER A 66 14.83 -15.32 22.09
N LYS A 67 14.21 -15.69 20.97
CA LYS A 67 14.95 -15.79 19.72
C LYS A 67 15.25 -14.43 19.06
N TYR A 68 14.40 -13.44 19.30
CA TYR A 68 14.57 -12.12 18.69
C TYR A 68 14.69 -10.98 19.71
N SER A 69 15.92 -10.52 19.91
CA SER A 69 16.23 -9.49 20.91
C SER A 69 15.47 -8.17 20.71
N ASP A 70 14.97 -7.92 19.51
CA ASP A 70 14.24 -6.67 19.25
C ASP A 70 12.86 -6.63 19.90
N VAL A 71 12.31 -7.78 20.25
CA VAL A 71 11.02 -7.86 20.93
C VAL A 71 11.16 -7.42 22.38
N MET A 72 10.56 -6.28 22.71
CA MET A 72 10.71 -5.71 24.05
C MET A 72 9.63 -6.19 25.00
N LEU A 73 8.43 -6.43 24.46
CA LEU A 73 7.28 -6.77 25.28
C LEU A 73 6.29 -7.66 24.53
N ALA A 74 5.67 -8.60 25.24
CA ALA A 74 4.65 -9.45 24.64
C ALA A 74 3.48 -9.61 25.58
N TYR A 75 2.27 -9.57 25.05
CA TYR A 75 1.08 -9.82 25.85
C TYR A 75 0.17 -10.83 25.19
N GLY A 76 -0.17 -11.89 25.90
CA GLY A 76 -1.02 -12.91 25.31
C GLY A 76 -2.17 -13.32 26.20
N ASP A 77 -3.28 -13.72 25.59
CA ASP A 77 -4.41 -14.24 26.35
C ASP A 77 -5.29 -15.00 25.39
N SER A 78 -5.96 -16.03 25.91
CA SER A 78 -6.79 -16.89 25.07
C SER A 78 -5.95 -17.46 23.92
N ASP A 79 -6.34 -17.14 22.69
CA ASP A 79 -5.59 -17.59 21.52
C ASP A 79 -4.80 -16.48 20.83
N GLU A 80 -4.58 -15.36 21.50
CA GLU A 80 -3.91 -14.23 20.88
C GLU A 80 -2.59 -13.83 21.57
N TYR A 81 -1.70 -13.23 20.80
CA TYR A 81 -0.45 -12.70 21.35
C TYR A 81 0.05 -11.48 20.57
N SER A 82 0.42 -10.42 21.30
CA SER A 82 0.92 -9.19 20.71
C SER A 82 2.40 -8.99 21.05
N PHE A 83 3.18 -8.62 20.04
CA PHE A 83 4.62 -8.42 20.22
C PHE A 83 5.07 -7.01 19.83
N LEU A 84 5.72 -6.33 20.77
CA LEU A 84 6.23 -4.99 20.53
C LEU A 84 7.71 -5.01 20.10
N LEU A 85 7.95 -4.48 18.92
CA LEU A 85 9.30 -4.31 18.38
C LEU A 85 9.69 -2.84 18.50
N ARG A 86 10.88 -2.61 19.06
CA ARG A 86 11.42 -1.27 19.30
C ARG A 86 11.45 -0.43 18.04
N LYS A 87 11.17 0.87 18.20
CA LYS A 87 10.95 1.77 17.08
C LYS A 87 12.11 1.82 16.06
N ASN A 88 13.32 1.51 16.52
CA ASN A 88 14.47 1.57 15.63
C ASN A 88 14.89 0.19 15.14
N CYS A 89 13.96 -0.77 15.21
CA CYS A 89 14.23 -2.14 14.76
C CYS A 89 14.54 -2.22 13.27
N GLN A 90 15.53 -3.03 12.90
CA GLN A 90 15.93 -3.19 11.52
C GLN A 90 15.84 -4.63 11.02
N LEU A 91 15.11 -5.46 11.77
CA LEU A 91 14.89 -6.85 11.40
C LEU A 91 14.25 -6.97 10.02
N TYR A 92 14.91 -7.70 9.11
CA TYR A 92 14.45 -7.88 7.73
C TYR A 92 14.16 -6.56 7.03
N GLU A 93 14.90 -5.52 7.43
CA GLU A 93 14.73 -4.19 6.88
C GLU A 93 13.30 -3.64 7.03
N ARG A 94 12.60 -4.09 8.07
CA ARG A 94 11.25 -3.63 8.36
C ARG A 94 10.24 -3.96 7.25
N ARG A 95 10.45 -5.09 6.59
CA ARG A 95 9.50 -5.61 5.61
C ARG A 95 8.31 -6.27 6.30
N GLU A 96 7.12 -5.74 6.03
CA GLU A 96 5.91 -6.22 6.69
C GLU A 96 5.68 -7.72 6.51
N MET A 97 5.78 -8.19 5.27
CA MET A 97 5.54 -9.59 4.96
C MET A 97 6.49 -10.55 5.68
N LYS A 98 7.79 -10.24 5.67
CA LYS A 98 8.76 -11.12 6.31
C LYS A 98 8.45 -11.26 7.79
N LEU A 99 8.19 -10.13 8.43
CA LEU A 99 7.90 -10.10 9.86
C LEU A 99 6.65 -10.90 10.21
N THR A 100 5.58 -10.66 9.46
CA THR A 100 4.29 -11.28 9.77
C THR A 100 4.27 -12.79 9.47
N THR A 101 4.75 -13.19 8.29
CA THR A 101 4.75 -14.60 7.94
C THR A 101 5.71 -15.38 8.82
N LEU A 102 6.84 -14.75 9.16
CA LEU A 102 7.80 -15.43 10.02
C LEU A 102 7.19 -15.60 11.40
N PHE A 103 6.54 -14.56 11.93
CA PHE A 103 5.91 -14.66 13.24
C PHE A 103 4.81 -15.72 13.31
N SER A 104 3.98 -15.78 12.28
CA SER A 104 2.91 -16.77 12.27
C SER A 104 3.52 -18.17 12.23
N SER A 105 4.57 -18.32 11.42
CA SER A 105 5.22 -19.60 11.26
C SER A 105 5.85 -20.05 12.59
N LEU A 106 6.56 -19.14 13.24
CA LEU A 106 7.24 -19.41 14.50
C LEU A 106 6.27 -19.76 15.62
N MET A 107 5.25 -18.93 15.81
CA MET A 107 4.26 -19.20 16.85
C MET A 107 3.60 -20.55 16.61
N SER A 108 3.29 -20.83 15.34
CA SER A 108 2.66 -22.09 14.99
C SER A 108 3.53 -23.30 15.33
N THR A 109 4.79 -23.24 14.89
CA THR A 109 5.71 -24.35 15.10
C THR A 109 6.01 -24.57 16.58
N TYR A 110 6.28 -23.48 17.30
CA TYR A 110 6.55 -23.57 18.73
C TYR A 110 5.34 -24.13 19.48
N TYR A 111 4.14 -23.73 19.06
CA TYR A 111 2.94 -24.26 19.67
C TYR A 111 2.86 -25.76 19.45
N MET A 112 3.11 -26.20 18.21
CA MET A 112 3.12 -27.63 17.93
C MET A 112 4.14 -28.39 18.77
N TYR A 113 5.33 -27.82 18.92
CA TYR A 113 6.37 -28.48 19.68
C TYR A 113 5.96 -28.63 21.14
N PHE A 114 5.64 -27.51 21.78
CA PHE A 114 5.25 -27.50 23.18
C PHE A 114 3.96 -28.27 23.48
N TRP A 115 3.11 -28.45 22.50
CA TRP A 115 1.90 -29.26 22.69
C TRP A 115 2.25 -30.72 22.96
N SER A 116 3.17 -31.26 22.18
CA SER A 116 3.65 -32.63 22.39
C SER A 116 4.30 -32.78 23.76
N GLN A 117 4.79 -31.67 24.30
CA GLN A 117 5.45 -31.67 25.61
C GLN A 117 4.44 -31.64 26.75
N TYR A 118 3.41 -30.81 26.62
CA TYR A 118 2.41 -30.70 27.68
C TYR A 118 1.29 -31.72 27.52
N PHE A 119 0.98 -32.08 26.27
CA PHE A 119 -0.09 -33.02 25.98
C PHE A 119 0.37 -34.26 25.20
N PRO A 120 1.13 -35.16 25.85
CA PRO A 120 1.51 -36.40 25.18
C PRO A 120 0.32 -37.33 24.99
N ASP A 121 -0.71 -37.14 25.81
CA ASP A 121 -1.93 -37.95 25.76
C ASP A 121 -2.82 -37.58 24.57
N LYS A 122 -2.69 -36.34 24.11
CA LYS A 122 -3.48 -35.84 22.98
C LYS A 122 -2.61 -35.46 21.79
N PRO A 123 -2.13 -36.47 21.02
CA PRO A 123 -1.32 -36.19 19.83
C PRO A 123 -2.12 -35.40 18.81
N LEU A 124 -1.47 -34.48 18.11
CA LEU A 124 -2.18 -33.59 17.19
C LEU A 124 -2.69 -34.31 15.95
N HIS A 125 -3.91 -33.97 15.56
CA HIS A 125 -4.54 -34.55 14.38
C HIS A 125 -4.33 -33.62 13.18
N ILE A 126 -4.07 -34.19 12.01
CA ILE A 126 -3.77 -33.43 10.81
C ILE A 126 -4.84 -32.38 10.45
N ASP A 127 -6.08 -32.64 10.81
CA ASP A 127 -7.18 -31.76 10.46
C ASP A 127 -7.41 -30.71 11.55
N HIS A 128 -6.64 -30.79 12.63
CA HIS A 128 -6.73 -29.80 13.69
C HIS A 128 -5.36 -29.38 14.24
N LEU A 129 -4.50 -28.89 13.36
CA LEU A 129 -3.23 -28.33 13.78
C LEU A 129 -3.42 -26.86 14.12
N PRO A 130 -2.64 -26.34 15.07
CA PRO A 130 -2.78 -24.95 15.49
C PRO A 130 -2.18 -23.95 14.48
N ASN A 131 -3.03 -23.18 13.83
CA ASN A 131 -2.57 -22.14 12.89
C ASN A 131 -2.82 -20.74 13.40
N PHE A 132 -1.92 -19.82 13.05
CA PHE A 132 -2.02 -18.43 13.48
C PHE A 132 -1.95 -17.48 12.29
N ASP A 133 -2.77 -16.44 12.30
CA ASP A 133 -2.56 -15.33 11.36
C ASP A 133 -1.73 -14.28 12.09
N ALA A 134 -1.33 -13.25 11.36
CA ALA A 134 -0.48 -12.21 11.96
C ALA A 134 -0.63 -10.88 11.23
N ARG A 135 -0.73 -9.80 12.00
CA ARG A 135 -0.84 -8.47 11.41
C ARG A 135 0.14 -7.49 12.05
N ALA A 136 0.66 -6.57 11.24
CA ALA A 136 1.58 -5.56 11.72
C ALA A 136 0.91 -4.20 11.80
N VAL A 137 1.09 -3.52 12.93
CA VAL A 137 0.51 -2.21 13.18
C VAL A 137 1.56 -1.21 13.64
N LEU A 138 1.57 -0.03 13.05
CA LEU A 138 2.55 0.99 13.42
C LEU A 138 1.95 2.01 14.38
N TYR A 139 2.72 2.34 15.42
CA TYR A 139 2.31 3.35 16.39
C TYR A 139 3.46 4.32 16.63
N PRO A 140 3.24 5.61 16.33
CA PRO A 140 4.28 6.64 16.36
C PRO A 140 4.67 7.16 17.74
N ASP A 141 3.80 7.00 18.73
CA ASP A 141 4.10 7.47 20.08
C ASP A 141 3.81 6.41 21.13
N PHE A 142 4.64 6.34 22.16
CA PHE A 142 4.52 5.29 23.16
C PHE A 142 3.17 5.26 23.89
N LYS A 143 2.53 6.43 24.00
CA LYS A 143 1.22 6.50 24.64
C LYS A 143 0.20 5.59 23.94
N HIS A 144 0.36 5.43 22.63
CA HIS A 144 -0.51 4.56 21.86
C HIS A 144 -0.17 3.10 22.09
N ILE A 145 1.08 2.81 22.44
CA ILE A 145 1.47 1.46 22.77
C ILE A 145 0.84 1.08 24.12
N ARG A 146 0.98 2.00 25.08
CA ARG A 146 0.43 1.84 26.41
C ARG A 146 -1.07 1.57 26.31
N ASN A 147 -1.73 2.40 25.51
CA ASN A 147 -3.15 2.26 25.29
C ASN A 147 -3.50 0.99 24.52
N TYR A 148 -2.60 0.53 23.66
CA TYR A 148 -2.85 -0.71 22.94
C TYR A 148 -2.93 -1.89 23.89
N PHE A 149 -1.87 -2.06 24.68
CA PHE A 149 -1.82 -3.19 25.61
C PHE A 149 -2.91 -3.04 26.68
N SER A 150 -3.27 -1.80 26.99
CA SER A 150 -4.39 -1.54 27.87
C SER A 150 -5.67 -2.11 27.26
N TRP A 151 -5.85 -1.83 25.98
CA TRP A 151 -6.97 -2.35 25.19
C TRP A 151 -7.03 -3.87 25.27
N ARG A 152 -5.90 -4.50 25.06
CA ARG A 152 -5.84 -5.96 25.06
C ARG A 152 -6.18 -6.56 26.42
N GLN A 153 -5.71 -5.91 27.48
CA GLN A 153 -5.97 -6.42 28.82
C GLN A 153 -7.45 -6.26 29.20
N VAL A 154 -8.03 -5.11 28.83
CA VAL A 154 -9.45 -4.89 29.08
C VAL A 154 -10.31 -5.92 28.34
N ASP A 155 -9.91 -6.20 27.10
CA ASP A 155 -10.61 -7.19 26.29
C ASP A 155 -10.53 -8.57 26.93
N CYS A 156 -9.36 -8.89 27.49
CA CYS A 156 -9.17 -10.15 28.20
C CYS A 156 -10.05 -10.27 29.43
N HIS A 157 -10.12 -9.19 30.21
CA HIS A 157 -10.96 -9.16 31.40
C HIS A 157 -12.43 -9.40 31.06
N ILE A 158 -12.96 -8.62 30.11
CA ILE A 158 -14.35 -8.79 29.69
C ILE A 158 -14.65 -10.20 29.18
N ASN A 159 -13.82 -10.71 28.27
CA ASN A 159 -14.08 -12.03 27.70
C ASN A 159 -14.00 -13.15 28.75
N ASN A 160 -13.02 -13.08 29.64
CA ASN A 160 -12.89 -14.08 30.69
C ASN A 160 -14.11 -14.06 31.61
N LEU A 161 -14.53 -12.85 31.96
CA LEU A 161 -15.67 -12.68 32.84
C LEU A 161 -16.91 -13.32 32.18
N TYR A 162 -17.06 -13.12 30.86
CA TYR A 162 -18.14 -13.74 30.09
C TYR A 162 -18.14 -15.27 30.16
N ASN A 163 -17.00 -15.88 29.82
CA ASN A 163 -16.93 -17.34 29.80
C ASN A 163 -17.06 -18.00 31.17
N THR A 164 -16.47 -17.38 32.19
CA THR A 164 -16.56 -17.92 33.54
C THR A 164 -18.01 -17.86 34.04
N THR A 165 -18.66 -16.72 33.80
CA THR A 165 -20.06 -16.59 34.22
C THR A 165 -20.95 -17.60 33.49
N PHE A 166 -20.80 -17.66 32.17
CA PHE A 166 -21.57 -18.58 31.34
C PHE A 166 -21.42 -20.04 31.80
N TRP A 167 -20.17 -20.50 31.88
CA TRP A 167 -19.93 -21.90 32.24
C TRP A 167 -20.27 -22.23 33.69
N ASN A 168 -20.23 -21.24 34.57
CA ASN A 168 -20.71 -21.47 35.94
C ASN A 168 -22.23 -21.58 35.95
N LEU A 169 -22.89 -20.84 35.06
CA LEU A 169 -24.34 -20.94 34.91
C LEU A 169 -24.74 -22.30 34.36
N VAL A 170 -23.91 -22.86 33.48
CA VAL A 170 -24.16 -24.19 32.92
C VAL A 170 -23.86 -25.28 33.95
N LEU A 171 -22.76 -25.13 34.68
CA LEU A 171 -22.33 -26.17 35.63
C LEU A 171 -23.03 -26.14 36.99
N LYS A 172 -23.04 -24.99 37.67
CA LYS A 172 -23.61 -24.90 39.01
C LYS A 172 -25.14 -24.89 39.05
N LEU A 173 -25.75 -24.04 38.21
CA LEU A 173 -27.20 -23.95 38.13
C LEU A 173 -27.81 -24.93 37.12
N LYS A 174 -26.96 -25.75 36.50
CA LYS A 174 -27.39 -26.73 35.49
C LYS A 174 -28.24 -26.14 34.37
N MET A 175 -27.92 -24.94 33.93
CA MET A 175 -28.67 -24.31 32.85
C MET A 175 -28.25 -24.82 31.48
N THR A 176 -29.15 -24.64 30.52
CA THR A 176 -28.88 -24.90 29.11
C THR A 176 -28.11 -23.70 28.56
N PRO A 177 -27.20 -23.91 27.60
CA PRO A 177 -26.45 -22.79 27.02
C PRO A 177 -27.32 -21.62 26.54
N GLN A 178 -28.47 -21.91 25.94
CA GLN A 178 -29.38 -20.85 25.53
C GLN A 178 -29.99 -20.15 26.75
N GLN A 179 -30.25 -20.91 27.79
CA GLN A 179 -30.80 -20.35 29.02
C GLN A 179 -29.80 -19.40 29.68
N ALA A 180 -28.55 -19.83 29.80
CA ALA A 180 -27.50 -19.00 30.38
C ALA A 180 -27.27 -17.75 29.54
N GLU A 181 -27.28 -17.93 28.23
CA GLU A 181 -27.09 -16.82 27.29
C GLU A 181 -28.22 -15.79 27.46
N GLN A 182 -29.45 -16.28 27.57
CA GLN A 182 -30.61 -15.44 27.80
C GLN A 182 -30.49 -14.72 29.13
N ARG A 183 -29.93 -15.41 30.12
CA ARG A 183 -29.70 -14.85 31.44
C ARG A 183 -28.71 -13.69 31.39
N LEU A 184 -27.73 -13.78 30.49
CA LEU A 184 -26.69 -12.77 30.39
C LEU A 184 -27.04 -11.55 29.55
N MET A 185 -28.21 -11.55 28.92
CA MET A 185 -28.64 -10.40 28.12
C MET A 185 -28.76 -9.11 28.92
N GLY A 186 -28.11 -8.06 28.41
CA GLY A 186 -28.17 -6.74 29.01
C GLY A 186 -27.39 -6.62 30.30
N THR A 187 -26.56 -7.62 30.59
CA THR A 187 -25.75 -7.59 31.79
C THR A 187 -24.38 -6.95 31.54
N VAL A 188 -23.88 -6.23 32.54
CA VAL A 188 -22.56 -5.61 32.47
C VAL A 188 -21.63 -6.33 33.44
N ALA A 189 -20.34 -6.01 33.38
CA ALA A 189 -19.32 -6.64 34.22
C ALA A 189 -19.75 -6.79 35.68
N SER A 190 -20.31 -5.72 36.23
CA SER A 190 -20.78 -5.74 37.62
C SER A 190 -21.91 -6.73 37.79
N ASP A 191 -22.83 -6.76 36.83
CA ASP A 191 -23.97 -7.68 36.86
C ASP A 191 -23.50 -9.13 36.75
N LYS A 192 -22.54 -9.38 35.87
CA LYS A 192 -21.99 -10.73 35.73
C LYS A 192 -21.29 -11.17 37.01
N ASN A 193 -20.58 -10.25 37.64
CA ASN A 193 -19.91 -10.52 38.91
C ASN A 193 -20.92 -10.87 40.01
N GLU A 194 -21.99 -10.10 40.08
CA GLU A 194 -23.04 -10.31 41.07
C GLU A 194 -23.79 -11.62 40.82
N ILE A 195 -24.01 -11.94 39.55
CA ILE A 195 -24.63 -13.21 39.16
C ILE A 195 -23.77 -14.38 39.57
N LEU A 196 -22.46 -14.28 39.30
CA LEU A 196 -21.53 -15.33 39.70
C LEU A 196 -21.51 -15.54 41.21
N PHE A 197 -21.42 -14.45 41.95
CA PHE A 197 -21.30 -14.54 43.41
C PHE A 197 -22.61 -15.06 44.03
N LYS A 198 -23.71 -14.36 43.77
CA LYS A 198 -25.00 -14.71 44.38
C LYS A 198 -25.68 -15.98 43.85
N GLU A 199 -25.68 -16.19 42.54
CA GLU A 199 -26.45 -17.31 41.96
C GLU A 199 -25.63 -18.59 41.77
N CYS A 200 -24.34 -18.46 41.48
CA CYS A 200 -23.49 -19.62 41.24
C CYS A 200 -22.57 -19.90 42.41
N GLY A 201 -22.44 -18.94 43.31
CA GLY A 201 -21.58 -19.06 44.47
C GLY A 201 -20.09 -19.07 44.17
N VAL A 202 -19.67 -18.28 43.19
CA VAL A 202 -18.27 -18.19 42.83
C VAL A 202 -17.78 -16.76 43.00
N ASN A 203 -16.70 -16.59 43.75
CA ASN A 203 -16.09 -15.28 43.91
C ASN A 203 -15.02 -15.04 42.85
N TYR A 204 -15.33 -14.15 41.90
CA TYR A 204 -14.44 -13.87 40.77
C TYR A 204 -13.04 -13.41 41.17
N ASN A 205 -12.94 -12.53 42.17
CA ASN A 205 -11.66 -11.98 42.57
C ASN A 205 -10.65 -13.05 42.98
N ASN A 206 -11.16 -14.21 43.39
CA ASN A 206 -10.31 -15.32 43.81
C ASN A 206 -9.88 -16.23 42.66
N GLU A 207 -10.35 -15.92 41.44
CA GLU A 207 -9.92 -16.65 40.25
C GLU A 207 -8.43 -16.42 40.03
N SER A 208 -7.77 -17.37 39.38
CA SER A 208 -6.34 -17.26 39.09
C SER A 208 -5.97 -15.92 38.47
N GLU A 209 -4.86 -15.36 38.92
CA GLU A 209 -4.37 -14.08 38.41
C GLU A 209 -4.08 -14.11 36.91
N MET A 210 -3.57 -15.23 36.40
CA MET A 210 -3.33 -15.37 34.97
C MET A 210 -4.64 -15.29 34.17
N TYR A 211 -5.68 -15.88 34.74
CA TYR A 211 -7.00 -15.90 34.10
C TYR A 211 -7.60 -14.50 34.04
N LYS A 212 -7.36 -13.73 35.10
CA LYS A 212 -7.96 -12.40 35.25
C LYS A 212 -7.16 -11.27 34.60
N LYS A 213 -5.86 -11.45 34.48
CA LYS A 213 -4.99 -10.38 33.97
C LYS A 213 -4.27 -10.73 32.66
N GLY A 214 -4.20 -12.02 32.33
CA GLY A 214 -3.47 -12.44 31.14
C GLY A 214 -2.00 -12.64 31.43
N THR A 215 -1.18 -12.72 30.37
CA THR A 215 0.24 -12.99 30.51
C THR A 215 1.11 -11.89 29.90
N ILE A 216 2.06 -11.38 30.68
CA ILE A 216 2.99 -10.39 30.16
C ILE A 216 4.40 -10.95 30.14
N ILE A 217 5.06 -10.90 28.99
CA ILE A 217 6.47 -11.26 28.92
C ILE A 217 7.30 -10.03 28.59
N VAL A 218 8.14 -9.60 29.51
CA VAL A 218 8.90 -8.38 29.30
C VAL A 218 10.40 -8.61 29.41
N ARG A 219 11.15 -7.93 28.56
CA ARG A 219 12.61 -7.96 28.58
C ARG A 219 13.17 -7.10 29.72
N GLU A 220 13.86 -7.73 30.65
CA GLU A 220 14.40 -7.02 31.82
C GLU A 220 15.92 -6.85 31.69
N GLU A 248 17.24 -10.32 31.08
CA GLU A 248 16.34 -11.36 31.57
C GLU A 248 14.91 -11.18 31.04
N LEU A 249 14.23 -12.31 30.86
CA LEU A 249 12.83 -12.28 30.44
C LEU A 249 11.93 -12.65 31.62
N LYS A 250 11.12 -11.71 32.08
CA LYS A 250 10.25 -11.98 33.22
C LYS A 250 8.78 -11.98 32.86
N ILE A 251 8.05 -12.94 33.43
CA ILE A 251 6.64 -13.11 33.18
C ILE A 251 5.79 -12.58 34.34
N TYR A 252 4.80 -11.76 34.02
CA TYR A 252 3.93 -11.16 35.02
C TYR A 252 2.45 -11.41 34.73
N HIS A 253 1.65 -11.35 35.79
CA HIS A 253 0.20 -11.40 35.67
C HIS A 253 -0.40 -10.27 36.49
N VAL A 254 -0.06 -9.05 36.09
CA VAL A 254 -0.43 -7.86 36.85
C VAL A 254 -1.17 -6.84 35.97
N ASP A 255 -1.76 -5.84 36.62
CA ASP A 255 -2.41 -4.76 35.89
C ASP A 255 -1.36 -3.82 35.29
N ILE A 256 -1.51 -3.52 34.01
CA ILE A 256 -0.60 -2.61 33.31
C ILE A 256 -1.34 -1.40 32.75
N ILE A 257 -2.66 -1.40 32.90
CA ILE A 257 -3.51 -0.32 32.44
C ILE A 257 -3.33 0.98 33.23
N ASN A 258 -3.48 0.89 34.55
CA ASN A 258 -3.44 2.07 35.42
C ASN A 258 -2.12 2.25 36.16
N ASP A 259 -1.33 1.17 36.22
CA ASP A 259 -0.06 1.22 36.93
C ASP A 259 0.99 1.94 36.09
N ASP A 260 1.00 3.27 36.18
CA ASP A 260 1.93 4.10 35.41
C ASP A 260 3.39 3.84 35.76
N SER A 261 3.63 3.56 37.04
CA SER A 261 4.99 3.35 37.53
C SER A 261 5.63 2.11 36.90
N TRP A 262 4.79 1.14 36.58
CA TRP A 262 5.26 -0.10 35.95
C TRP A 262 5.93 0.20 34.64
N TRP A 263 5.35 1.13 33.88
CA TRP A 263 5.91 1.54 32.61
C TRP A 263 7.08 2.49 32.80
N LYS A 264 6.89 3.49 33.66
CA LYS A 264 7.91 4.50 33.94
C LYS A 264 9.21 3.86 34.46
N SER A 265 9.09 2.77 35.20
CA SER A 265 10.26 2.06 35.72
C SER A 265 10.98 1.24 34.65
N ARG A 266 10.38 1.18 33.46
CA ARG A 266 10.96 0.44 32.35
C ARG A 266 11.10 1.31 31.10
N PRO A 267 12.02 2.28 31.13
CA PRO A 267 12.22 3.24 30.03
C PRO A 267 12.78 2.62 28.75
N TRP A 268 13.46 1.47 28.86
CA TRP A 268 14.03 0.82 27.69
C TRP A 268 12.95 0.32 26.74
N LEU A 269 11.72 0.24 27.24
CA LEU A 269 10.59 -0.11 26.40
C LEU A 269 10.33 0.99 25.38
N LYS A 270 10.56 2.23 25.80
CA LYS A 270 10.35 3.39 24.93
C LYS A 270 11.41 3.54 23.85
N ASP A 271 12.61 3.03 24.11
CA ASP A 271 13.74 3.22 23.21
C ASP A 271 14.91 2.33 23.60
N SER B 7 -15.31 1.40 24.72
CA SER B 7 -14.02 1.44 25.40
C SER B 7 -13.19 2.66 25.04
N LYS B 8 -12.39 3.12 25.99
CA LYS B 8 -11.55 4.30 25.80
C LYS B 8 -10.23 3.93 25.15
N TYR B 9 -10.03 2.64 24.90
CA TYR B 9 -8.76 2.19 24.35
C TYR B 9 -8.83 1.66 22.90
N GLU B 10 -10.01 1.35 22.37
CA GLU B 10 -10.11 0.74 21.05
C GLU B 10 -9.64 1.64 19.88
N TYR B 11 -9.45 2.94 20.13
CA TYR B 11 -9.07 3.87 19.06
C TYR B 11 -7.82 3.41 18.30
N VAL B 12 -6.95 2.68 18.99
CA VAL B 12 -5.70 2.18 18.39
C VAL B 12 -5.95 1.27 17.18
N LYS B 13 -7.14 0.68 17.12
CA LYS B 13 -7.51 -0.17 15.99
C LYS B 13 -7.47 0.62 14.69
N LEU B 14 -7.62 1.94 14.80
CA LEU B 14 -7.61 2.80 13.62
C LEU B 14 -6.25 2.86 12.96
N PHE B 15 -5.23 2.38 13.65
CA PHE B 15 -3.89 2.46 13.08
C PHE B 15 -3.59 1.26 12.19
N GLU B 16 -4.49 0.28 12.22
CA GLU B 16 -4.33 -0.91 11.39
C GLU B 16 -4.66 -0.57 9.95
N LYS B 17 -3.88 -1.06 9.00
CA LYS B 17 -4.19 -0.83 7.59
C LYS B 17 -4.21 -2.13 6.78
N GLU B 18 -5.35 -2.44 6.17
CA GLU B 18 -5.50 -3.63 5.34
C GLU B 18 -5.24 -3.37 3.86
N ASN B 19 -4.74 -4.40 3.17
CA ASN B 19 -4.51 -4.34 1.73
C ASN B 19 -5.22 -5.49 1.02
N TYR B 20 -6.29 -5.15 0.30
CA TYR B 20 -7.03 -6.15 -0.46
C TYR B 20 -6.41 -6.32 -1.85
N LEU B 21 -6.01 -7.55 -2.18
CA LEU B 21 -5.40 -7.84 -3.48
C LEU B 21 -6.40 -7.65 -4.62
N LEU B 22 -5.93 -6.98 -5.67
CA LEU B 22 -6.70 -6.71 -6.88
C LEU B 22 -7.56 -7.88 -7.35
N PRO B 23 -8.88 -7.65 -7.46
CA PRO B 23 -9.83 -8.68 -7.90
C PRO B 23 -9.56 -9.15 -9.33
N ASP B 24 -10.06 -10.33 -9.66
CA ASP B 24 -9.94 -10.91 -11.00
C ASP B 24 -8.49 -10.93 -11.47
N THR B 25 -7.58 -11.13 -10.54
CA THR B 25 -6.17 -11.21 -10.88
C THR B 25 -5.62 -12.51 -10.29
N TYR B 26 -4.73 -13.16 -11.03
CA TYR B 26 -4.12 -14.39 -10.54
C TYR B 26 -3.22 -14.11 -9.37
N ILE B 27 -3.37 -14.90 -8.33
CA ILE B 27 -2.55 -14.73 -7.14
C ILE B 27 -1.60 -15.91 -7.00
N ILE B 28 -0.31 -15.61 -6.86
CA ILE B 28 0.64 -16.64 -6.53
C ILE B 28 1.14 -16.43 -5.11
N ILE B 29 1.00 -17.45 -4.29
CA ILE B 29 1.57 -17.39 -2.95
C ILE B 29 2.77 -18.32 -2.90
N ARG B 30 3.96 -17.75 -2.70
CA ARG B 30 5.16 -18.56 -2.64
C ARG B 30 5.67 -18.64 -1.21
N VAL B 31 5.81 -19.86 -0.72
CA VAL B 31 6.38 -20.11 0.59
C VAL B 31 7.78 -20.68 0.43
N ASP B 32 8.66 -20.29 1.34
CA ASP B 32 10.06 -20.72 1.24
C ASP B 32 10.63 -21.01 2.63
N GLY B 33 11.26 -22.18 2.74
CA GLY B 33 11.91 -22.59 3.97
C GLY B 33 12.96 -21.63 4.47
N LYS B 34 12.87 -21.27 5.75
CA LYS B 34 13.82 -20.35 6.36
C LYS B 34 15.09 -21.09 6.75
N GLY B 35 16.20 -20.71 6.12
CA GLY B 35 17.51 -21.29 6.41
C GLY B 35 17.53 -22.82 6.31
N PHE B 36 16.89 -23.34 5.27
CA PHE B 36 16.79 -24.79 5.10
C PHE B 36 18.09 -25.46 4.67
N HIS B 37 19.12 -24.68 4.38
CA HIS B 37 20.43 -25.28 4.16
C HIS B 37 20.95 -25.82 5.49
N LYS B 38 20.94 -24.95 6.50
CA LYS B 38 21.36 -25.30 7.84
C LYS B 38 20.44 -26.37 8.41
N PHE B 39 19.16 -26.27 8.06
CA PHE B 39 18.15 -27.25 8.44
C PHE B 39 18.48 -28.63 7.87
N SER B 40 18.86 -28.64 6.59
CA SER B 40 19.21 -29.87 5.91
C SER B 40 20.46 -30.49 6.52
N GLN B 41 21.35 -29.63 6.99
CA GLN B 41 22.58 -30.09 7.63
C GLN B 41 22.29 -30.71 9.01
N PHE B 42 21.51 -30.01 9.83
CA PHE B 42 21.22 -30.46 11.19
C PHE B 42 20.58 -31.85 11.25
N TYR B 43 19.64 -32.12 10.35
CA TYR B 43 18.92 -33.39 10.36
C TYR B 43 19.52 -34.44 9.41
N GLU B 44 20.76 -34.20 8.99
CA GLU B 44 21.51 -35.16 8.16
C GLU B 44 20.74 -35.63 6.93
N PHE B 45 20.33 -34.67 6.09
CA PHE B 45 19.66 -34.99 4.84
C PHE B 45 20.61 -35.71 3.88
N GLU B 46 20.07 -36.65 3.10
CA GLU B 46 20.86 -37.30 2.06
C GLU B 46 21.22 -36.30 0.99
N LYS B 47 22.42 -36.42 0.42
CA LYS B 47 22.84 -35.51 -0.62
C LYS B 47 23.17 -36.29 -1.90
N PRO B 48 22.92 -35.69 -3.07
CA PRO B 48 22.36 -34.34 -3.26
C PRO B 48 20.87 -34.23 -2.92
N ASN B 49 20.11 -35.31 -3.08
CA ASN B 49 18.67 -35.25 -2.83
C ASN B 49 18.18 -36.30 -1.82
N ASP B 50 17.44 -35.83 -0.81
CA ASP B 50 16.78 -36.71 0.16
C ASP B 50 15.31 -36.90 -0.17
N LEU B 51 14.96 -38.11 -0.60
CA LEU B 51 13.61 -38.45 -1.06
C LEU B 51 12.49 -38.18 -0.05
N LYS B 52 12.64 -38.72 1.15
CA LYS B 52 11.61 -38.62 2.18
C LYS B 52 11.28 -37.19 2.61
N ALA B 53 12.29 -36.33 2.66
CA ALA B 53 12.07 -34.92 3.00
C ALA B 53 11.19 -34.25 1.95
N LEU B 54 11.46 -34.58 0.69
CA LEU B 54 10.69 -34.04 -0.41
C LEU B 54 9.28 -34.60 -0.34
N GLN B 55 9.17 -35.81 0.21
CA GLN B 55 7.86 -36.42 0.40
C GLN B 55 7.08 -35.74 1.53
N VAL B 56 7.80 -35.23 2.52
CA VAL B 56 7.19 -34.44 3.58
C VAL B 56 6.68 -33.12 3.01
N MET B 57 7.53 -32.45 2.23
CA MET B 57 7.15 -31.20 1.58
C MET B 57 5.90 -31.40 0.73
N ASN B 58 5.94 -32.43 -0.12
CA ASN B 58 4.83 -32.73 -0.99
C ASN B 58 3.58 -33.10 -0.21
N SER B 59 3.75 -33.77 0.92
CA SER B 59 2.62 -34.14 1.76
C SER B 59 1.93 -32.90 2.34
N ALA B 60 2.72 -31.99 2.89
CA ALA B 60 2.20 -30.75 3.45
C ALA B 60 1.47 -29.94 2.39
N ALA B 61 2.11 -29.79 1.24
CA ALA B 61 1.54 -29.03 0.14
C ALA B 61 0.22 -29.64 -0.33
N GLU B 62 0.20 -30.96 -0.47
CA GLU B 62 -0.98 -31.69 -0.93
C GLU B 62 -2.14 -31.58 0.06
N LYS B 63 -1.85 -31.69 1.36
CA LYS B 63 -2.89 -31.55 2.37
C LYS B 63 -3.45 -30.13 2.37
N LEU B 64 -2.56 -29.14 2.30
CA LEU B 64 -2.97 -27.74 2.27
C LEU B 64 -3.88 -27.51 1.07
N MET B 65 -3.43 -28.01 -0.08
CA MET B 65 -4.17 -27.90 -1.33
C MET B 65 -5.53 -28.56 -1.24
N SER B 66 -5.60 -29.67 -0.53
CA SER B 66 -6.86 -30.37 -0.32
C SER B 66 -7.79 -29.54 0.54
N LYS B 67 -7.20 -28.75 1.43
CA LYS B 67 -7.97 -27.93 2.37
C LYS B 67 -8.55 -26.67 1.73
N TYR B 68 -7.86 -26.13 0.73
CA TYR B 68 -8.31 -24.89 0.07
C TYR B 68 -8.50 -25.06 -1.44
N SER B 69 -9.77 -25.22 -1.83
CA SER B 69 -10.15 -25.48 -3.21
C SER B 69 -9.77 -24.43 -4.26
N ASP B 70 -9.50 -23.20 -3.82
CA ASP B 70 -9.15 -22.14 -4.78
C ASP B 70 -7.77 -22.36 -5.38
N VAL B 71 -6.97 -23.19 -4.73
CA VAL B 71 -5.66 -23.56 -5.24
C VAL B 71 -5.78 -24.55 -6.40
N MET B 72 -5.44 -24.09 -7.60
CA MET B 72 -5.61 -24.89 -8.80
C MET B 72 -4.37 -25.73 -9.11
N LEU B 73 -3.21 -25.17 -8.80
CA LEU B 73 -1.93 -25.77 -9.15
C LEU B 73 -0.86 -25.40 -8.12
N ALA B 74 0.03 -26.34 -7.83
CA ALA B 74 1.13 -26.10 -6.90
C ALA B 74 2.43 -26.65 -7.48
N TYR B 75 3.51 -25.91 -7.35
CA TYR B 75 4.80 -26.40 -7.80
C TYR B 75 5.87 -26.23 -6.75
N GLY B 76 6.53 -27.31 -6.39
CA GLY B 76 7.54 -27.23 -5.36
C GLY B 76 8.83 -27.91 -5.74
N ASP B 77 9.93 -27.39 -5.22
CA ASP B 77 11.23 -28.02 -5.42
C ASP B 77 12.18 -27.49 -4.37
N SER B 78 13.14 -28.31 -3.98
CA SER B 78 14.08 -27.96 -2.91
C SER B 78 13.27 -27.56 -1.67
N ASP B 79 13.47 -26.33 -1.21
CA ASP B 79 12.76 -25.84 -0.04
C ASP B 79 11.65 -24.84 -0.38
N GLU B 80 11.25 -24.76 -1.64
CA GLU B 80 10.26 -23.76 -2.04
C GLU B 80 8.98 -24.37 -2.62
N TYR B 81 7.89 -23.61 -2.49
CA TYR B 81 6.61 -24.02 -3.07
C TYR B 81 5.78 -22.81 -3.51
N SER B 82 5.24 -22.91 -4.73
CA SER B 82 4.42 -21.86 -5.31
C SER B 82 2.98 -22.35 -5.47
N PHE B 83 2.02 -21.52 -5.07
CA PHE B 83 0.62 -21.89 -5.17
C PHE B 83 -0.13 -20.90 -6.05
N LEU B 84 -0.79 -21.43 -7.07
CA LEU B 84 -1.59 -20.61 -7.98
C LEU B 84 -3.06 -20.62 -7.56
N LEU B 85 -3.59 -19.44 -7.26
CA LEU B 85 -4.98 -19.26 -6.90
C LEU B 85 -5.76 -18.70 -8.08
N ARG B 86 -6.91 -19.30 -8.39
CA ARG B 86 -7.72 -18.86 -9.51
C ARG B 86 -8.04 -17.37 -9.38
N LYS B 87 -8.09 -16.69 -10.53
CA LYS B 87 -8.21 -15.24 -10.58
C LYS B 87 -9.44 -14.74 -9.83
N ASN B 88 -10.45 -15.59 -9.72
CA ASN B 88 -11.71 -15.19 -9.10
C ASN B 88 -11.80 -15.62 -7.65
N CYS B 89 -10.64 -15.85 -7.04
CA CYS B 89 -10.59 -16.20 -5.64
C CYS B 89 -11.18 -15.12 -4.76
N GLN B 90 -12.02 -15.51 -3.81
CA GLN B 90 -12.63 -14.57 -2.89
C GLN B 90 -12.32 -14.97 -1.45
N LEU B 91 -11.33 -15.84 -1.30
CA LEU B 91 -10.90 -16.32 0.02
C LEU B 91 -10.44 -15.19 0.94
N TYR B 92 -11.08 -15.08 2.10
CA TYR B 92 -10.79 -14.04 3.09
C TYR B 92 -10.88 -12.64 2.49
N GLU B 93 -11.77 -12.49 1.50
CA GLU B 93 -11.98 -11.23 0.78
C GLU B 93 -10.68 -10.73 0.15
N ARG B 94 -9.78 -11.66 -0.15
CA ARG B 94 -8.49 -11.35 -0.77
C ARG B 94 -7.62 -10.41 0.07
N ARG B 95 -7.70 -10.56 1.39
CA ARG B 95 -6.82 -9.82 2.28
C ARG B 95 -5.43 -10.47 2.26
N GLU B 96 -4.43 -9.73 1.80
CA GLU B 96 -3.10 -10.27 1.60
C GLU B 96 -2.46 -10.91 2.85
N MET B 97 -2.51 -10.20 3.99
CA MET B 97 -1.94 -10.71 5.25
C MET B 97 -2.56 -12.03 5.67
N LYS B 98 -3.89 -12.12 5.57
CA LYS B 98 -4.56 -13.35 5.93
C LYS B 98 -4.06 -14.51 5.09
N LEU B 99 -3.99 -14.29 3.77
CA LEU B 99 -3.54 -15.33 2.85
C LEU B 99 -2.10 -15.77 3.12
N THR B 100 -1.19 -14.82 3.25
CA THR B 100 0.22 -15.16 3.39
C THR B 100 0.53 -15.76 4.76
N THR B 101 0.03 -15.16 5.84
CA THR B 101 0.32 -15.70 7.16
C THR B 101 -0.36 -17.04 7.36
N LEU B 102 -1.54 -17.22 6.77
CA LEU B 102 -2.20 -18.52 6.87
C LEU B 102 -1.45 -19.57 6.06
N PHE B 103 -0.98 -19.22 4.87
CA PHE B 103 -0.20 -20.18 4.08
C PHE B 103 1.10 -20.56 4.79
N SER B 104 1.79 -19.60 5.38
CA SER B 104 3.04 -19.90 6.08
C SER B 104 2.77 -20.76 7.32
N SER B 105 1.70 -20.43 8.05
CA SER B 105 1.34 -21.16 9.25
C SER B 105 1.00 -22.60 8.92
N LEU B 106 0.19 -22.78 7.88
CA LEU B 106 -0.24 -24.10 7.42
C LEU B 106 0.94 -24.93 6.96
N MET B 107 1.79 -24.35 6.11
CA MET B 107 2.96 -25.07 5.61
C MET B 107 3.89 -25.51 6.75
N SER B 108 4.12 -24.61 7.70
CA SER B 108 4.98 -24.94 8.83
C SER B 108 4.38 -26.08 9.67
N THR B 109 3.12 -25.95 10.05
CA THR B 109 2.48 -26.95 10.90
C THR B 109 2.34 -28.32 10.20
N TYR B 110 1.87 -28.31 8.95
CA TYR B 110 1.73 -29.56 8.20
C TYR B 110 3.10 -30.21 7.98
N TYR B 111 4.13 -29.40 7.74
CA TYR B 111 5.48 -29.94 7.60
C TYR B 111 5.93 -30.63 8.89
N MET B 112 5.68 -29.98 10.02
CA MET B 112 6.01 -30.58 11.32
C MET B 112 5.30 -31.92 11.52
N TYR B 113 4.01 -31.95 11.17
CA TYR B 113 3.19 -33.15 11.32
C TYR B 113 3.71 -34.30 10.45
N PHE B 114 3.83 -34.05 9.16
CA PHE B 114 4.31 -35.05 8.22
C PHE B 114 5.76 -35.45 8.51
N TRP B 115 6.53 -34.57 9.13
CA TRP B 115 7.87 -34.92 9.58
C TRP B 115 7.75 -35.94 10.70
N SER B 116 6.81 -35.70 11.61
CA SER B 116 6.55 -36.65 12.69
C SER B 116 6.08 -38.01 12.15
N GLN B 117 5.49 -38.00 10.96
CA GLN B 117 5.06 -39.26 10.33
C GLN B 117 6.15 -40.00 9.55
N TYR B 118 6.95 -39.27 8.77
CA TYR B 118 7.98 -39.89 7.93
C TYR B 118 9.31 -40.13 8.67
N PHE B 119 9.63 -39.27 9.62
CA PHE B 119 10.87 -39.38 10.37
C PHE B 119 10.62 -39.50 11.88
N PRO B 120 10.08 -40.64 12.32
CA PRO B 120 9.90 -40.83 13.76
C PRO B 120 11.24 -41.02 14.49
N ASP B 121 12.26 -41.43 13.76
CA ASP B 121 13.59 -41.66 14.36
C ASP B 121 14.31 -40.35 14.66
N LYS B 122 13.96 -39.29 13.92
CA LYS B 122 14.57 -37.99 14.10
C LYS B 122 13.54 -36.96 14.57
N PRO B 123 13.19 -37.00 15.87
CA PRO B 123 12.24 -36.03 16.42
C PRO B 123 12.78 -34.61 16.30
N LEU B 124 11.91 -33.65 16.03
CA LEU B 124 12.35 -32.28 15.79
C LEU B 124 12.87 -31.61 17.06
N HIS B 125 13.94 -30.85 16.91
CA HIS B 125 14.53 -30.13 18.03
C HIS B 125 13.96 -28.72 18.01
N ILE B 126 13.65 -28.18 19.19
CA ILE B 126 12.99 -26.88 19.30
C ILE B 126 13.69 -25.73 18.57
N ASP B 127 15.01 -25.81 18.44
CA ASP B 127 15.76 -24.72 17.82
C ASP B 127 15.97 -24.89 16.31
N HIS B 128 15.46 -25.98 15.77
CA HIS B 128 15.52 -26.21 14.32
C HIS B 128 14.19 -26.74 13.80
N LEU B 129 13.14 -25.97 14.05
CA LEU B 129 11.81 -26.26 13.52
C LEU B 129 11.69 -25.70 12.12
N PRO B 130 10.86 -26.34 11.28
CA PRO B 130 10.72 -25.85 9.91
C PRO B 130 9.86 -24.58 9.85
N ASN B 131 10.49 -23.47 9.52
CA ASN B 131 9.74 -22.23 9.35
C ASN B 131 9.72 -21.79 7.90
N PHE B 132 8.62 -21.17 7.50
CA PHE B 132 8.45 -20.73 6.12
C PHE B 132 8.09 -19.26 6.07
N ASP B 133 8.64 -18.55 5.09
CA ASP B 133 8.11 -17.23 4.78
C ASP B 133 7.10 -17.41 3.66
N ALA B 134 6.40 -16.34 3.33
CA ALA B 134 5.38 -16.41 2.29
C ALA B 134 5.14 -15.04 1.70
N ARG B 135 5.11 -14.97 0.36
CA ARG B 135 4.83 -13.71 -0.30
C ARG B 135 3.79 -13.88 -1.39
N ALA B 136 2.98 -12.84 -1.58
CA ALA B 136 1.92 -12.86 -2.59
C ALA B 136 2.30 -12.00 -3.79
N VAL B 137 2.09 -12.55 -4.97
CA VAL B 137 2.40 -11.85 -6.21
C VAL B 137 1.20 -11.86 -7.17
N LEU B 138 0.86 -10.70 -7.73
CA LEU B 138 -0.29 -10.60 -8.62
C LEU B 138 0.09 -10.64 -10.10
N TYR B 139 -0.68 -11.38 -10.89
CA TYR B 139 -0.45 -11.47 -12.34
C TYR B 139 -1.75 -11.30 -13.15
N PRO B 140 -1.77 -10.29 -14.04
CA PRO B 140 -2.97 -9.93 -14.80
C PRO B 140 -3.27 -10.82 -16.01
N ASP B 141 -2.28 -11.54 -16.53
CA ASP B 141 -2.51 -12.42 -17.68
C ASP B 141 -1.88 -13.80 -17.43
N PHE B 142 -2.56 -14.84 -17.92
CA PHE B 142 -2.15 -16.23 -17.71
C PHE B 142 -0.77 -16.58 -18.28
N LYS B 143 -0.37 -15.87 -19.34
CA LYS B 143 0.93 -16.05 -19.96
C LYS B 143 2.06 -15.79 -18.95
N HIS B 144 1.79 -14.89 -18.01
CA HIS B 144 2.75 -14.56 -16.97
C HIS B 144 2.81 -15.67 -15.93
N ILE B 145 1.71 -16.38 -15.77
CA ILE B 145 1.68 -17.53 -14.88
C ILE B 145 2.54 -18.63 -15.49
N ARG B 146 2.31 -18.88 -16.78
CA ARG B 146 3.10 -19.87 -17.51
C ARG B 146 4.59 -19.56 -17.41
N ASN B 147 4.94 -18.31 -17.67
CA ASN B 147 6.33 -17.89 -17.61
C ASN B 147 6.91 -17.96 -16.21
N TYR B 148 6.07 -17.74 -15.19
CA TYR B 148 6.55 -17.84 -13.82
C TYR B 148 6.92 -19.28 -13.51
N PHE B 149 6.00 -20.21 -13.74
CA PHE B 149 6.28 -21.61 -13.43
C PHE B 149 7.42 -22.14 -14.29
N SER B 150 7.56 -21.58 -15.49
CA SER B 150 8.70 -21.88 -16.34
C SER B 150 10.00 -21.45 -15.65
N TRP B 151 9.99 -20.23 -15.09
CA TRP B 151 11.12 -19.71 -14.32
C TRP B 151 11.50 -20.64 -13.18
N ARG B 152 10.49 -21.06 -12.42
CA ARG B 152 10.73 -21.92 -11.27
C ARG B 152 11.31 -23.28 -11.69
N GLN B 153 10.79 -23.85 -12.79
CA GLN B 153 11.29 -25.16 -13.23
C GLN B 153 12.70 -25.08 -13.80
N VAL B 154 13.00 -24.01 -14.52
CA VAL B 154 14.36 -23.79 -15.02
C VAL B 154 15.30 -23.70 -13.81
N ASP B 155 14.84 -23.01 -12.78
CA ASP B 155 15.62 -22.88 -11.54
C ASP B 155 15.87 -24.25 -10.90
N CYS B 156 14.84 -25.09 -10.92
CA CYS B 156 14.96 -26.44 -10.38
C CYS B 156 15.98 -27.26 -11.16
N HIS B 157 15.93 -27.15 -12.49
CA HIS B 157 16.86 -27.86 -13.36
C HIS B 157 18.30 -27.45 -13.10
N ILE B 158 18.56 -26.15 -13.11
CA ILE B 158 19.90 -25.63 -12.85
C ILE B 158 20.43 -26.06 -11.49
N ASN B 159 19.63 -25.85 -10.45
CA ASN B 159 20.07 -26.17 -9.10
C ASN B 159 20.30 -27.67 -8.90
N ASN B 160 19.43 -28.49 -9.48
CA ASN B 160 19.59 -29.94 -9.38
C ASN B 160 20.84 -30.43 -10.10
N LEU B 161 21.07 -29.94 -11.31
CA LEU B 161 22.27 -30.34 -12.05
C LEU B 161 23.53 -29.96 -11.28
N TYR B 162 23.56 -28.73 -10.77
CA TYR B 162 24.71 -28.25 -10.01
C TYR B 162 24.95 -29.10 -8.76
N ASN B 163 23.90 -29.31 -7.97
CA ASN B 163 24.02 -30.07 -6.74
C ASN B 163 24.37 -31.55 -6.95
N THR B 164 23.83 -32.16 -8.00
CA THR B 164 24.16 -33.55 -8.29
C THR B 164 25.62 -33.68 -8.69
N THR B 165 26.09 -32.75 -9.52
CA THR B 165 27.49 -32.76 -9.93
C THR B 165 28.42 -32.54 -8.73
N PHE B 166 28.10 -31.51 -7.95
CA PHE B 166 28.85 -31.17 -6.74
C PHE B 166 28.95 -32.33 -5.76
N TRP B 167 27.80 -32.88 -5.35
CA TRP B 167 27.77 -33.95 -4.36
C TRP B 167 28.31 -35.27 -4.89
N ASN B 168 28.25 -35.48 -6.19
CA ASN B 168 28.91 -36.65 -6.76
C ASN B 168 30.43 -36.46 -6.74
N LEU B 169 30.87 -35.22 -6.92
CA LEU B 169 32.29 -34.90 -6.81
C LEU B 169 32.80 -35.06 -5.38
N VAL B 170 31.96 -34.70 -4.42
CA VAL B 170 32.31 -34.81 -3.00
C VAL B 170 32.28 -36.25 -2.48
N LEU B 171 31.24 -37.01 -2.83
CA LEU B 171 31.11 -38.35 -2.30
C LEU B 171 31.96 -39.37 -3.07
N LYS B 172 31.80 -39.39 -4.40
CA LYS B 172 32.47 -40.37 -5.24
C LYS B 172 33.96 -40.09 -5.51
N LEU B 173 34.29 -38.85 -5.86
CA LEU B 173 35.69 -38.47 -6.07
C LEU B 173 36.36 -38.05 -4.78
N LYS B 174 35.57 -38.01 -3.71
CA LYS B 174 36.04 -37.66 -2.38
C LYS B 174 36.78 -36.33 -2.34
N MET B 175 36.29 -35.37 -3.12
CA MET B 175 36.84 -34.02 -3.13
C MET B 175 36.34 -33.25 -1.92
N THR B 176 37.06 -32.19 -1.57
CA THR B 176 36.60 -31.28 -0.54
C THR B 176 35.56 -30.37 -1.18
N PRO B 177 34.54 -29.93 -0.41
CA PRO B 177 33.52 -29.00 -0.93
C PRO B 177 34.14 -27.79 -1.62
N GLN B 178 35.25 -27.29 -1.07
CA GLN B 178 35.97 -26.19 -1.69
C GLN B 178 36.58 -26.61 -3.04
N GLN B 179 37.07 -27.84 -3.09
CA GLN B 179 37.64 -28.39 -4.32
C GLN B 179 36.59 -28.57 -5.41
N ALA B 180 35.45 -29.16 -5.02
CA ALA B 180 34.33 -29.36 -5.93
C ALA B 180 33.81 -28.00 -6.40
N GLU B 181 33.79 -27.04 -5.50
CA GLU B 181 33.35 -25.69 -5.80
C GLU B 181 34.24 -25.03 -6.86
N GLN B 182 35.56 -25.11 -6.66
CA GLN B 182 36.50 -24.55 -7.62
C GLN B 182 36.48 -25.28 -8.96
N ARG B 183 36.28 -26.59 -8.92
CA ARG B 183 36.21 -27.40 -10.13
C ARG B 183 35.03 -27.02 -11.02
N LEU B 184 33.91 -26.64 -10.40
CA LEU B 184 32.70 -26.30 -11.14
C LEU B 184 32.70 -24.84 -11.61
N MET B 185 33.72 -24.09 -11.21
CA MET B 185 33.84 -22.69 -11.60
C MET B 185 33.97 -22.55 -13.12
N GLY B 186 33.11 -21.75 -13.73
CA GLY B 186 33.16 -21.49 -15.15
C GLY B 186 32.71 -22.66 -16.01
N THR B 187 32.08 -23.65 -15.39
CA THR B 187 31.59 -24.83 -16.10
C THR B 187 30.15 -24.63 -16.59
N VAL B 188 29.84 -25.20 -17.75
CA VAL B 188 28.48 -25.13 -18.30
C VAL B 188 27.81 -26.50 -18.24
N ALA B 189 26.51 -26.53 -18.52
CA ALA B 189 25.69 -27.75 -18.47
C ALA B 189 26.34 -28.97 -19.12
N SER B 190 26.91 -28.77 -20.31
CA SER B 190 27.55 -29.86 -21.04
C SER B 190 28.74 -30.39 -20.25
N ASP B 191 29.51 -29.48 -19.67
CA ASP B 191 30.66 -29.86 -18.85
C ASP B 191 30.23 -30.59 -17.59
N LYS B 192 29.16 -30.15 -16.94
CA LYS B 192 28.69 -30.83 -15.74
C LYS B 192 28.20 -32.24 -16.06
N ASN B 193 27.47 -32.39 -17.17
CA ASN B 193 27.02 -33.71 -17.59
C ASN B 193 28.19 -34.63 -17.91
N GLU B 194 29.18 -34.08 -18.60
CA GLU B 194 30.37 -34.83 -18.98
C GLU B 194 31.19 -35.24 -17.75
N ILE B 195 31.31 -34.33 -16.79
CA ILE B 195 32.00 -34.62 -15.53
C ILE B 195 31.29 -35.71 -14.76
N LEU B 196 29.97 -35.61 -14.67
CA LEU B 196 29.20 -36.63 -13.97
C LEU B 196 29.35 -38.00 -14.63
N PHE B 197 29.18 -38.05 -15.94
CA PHE B 197 29.16 -39.33 -16.64
C PHE B 197 30.57 -39.95 -16.66
N LYS B 198 31.56 -39.21 -17.16
CA LYS B 198 32.91 -39.75 -17.30
C LYS B 198 33.65 -39.91 -15.96
N GLU B 199 33.52 -38.95 -15.04
CA GLU B 199 34.29 -38.98 -13.80
C GLU B 199 33.54 -39.62 -12.63
N CYS B 200 32.21 -39.49 -12.60
CA CYS B 200 31.46 -40.03 -11.48
C CYS B 200 30.71 -41.31 -11.87
N GLY B 201 30.62 -41.54 -13.18
CA GLY B 201 29.90 -42.71 -13.68
C GLY B 201 28.42 -42.60 -13.41
N VAL B 202 27.92 -41.37 -13.50
CA VAL B 202 26.50 -41.10 -13.29
C VAL B 202 25.89 -40.47 -14.52
N ASN B 203 24.83 -41.07 -15.03
CA ASN B 203 24.09 -40.51 -16.16
C ASN B 203 22.96 -39.64 -15.61
N TYR B 204 23.10 -38.33 -15.78
CA TYR B 204 22.13 -37.38 -15.24
C TYR B 204 20.72 -37.64 -15.74
N ASN B 205 20.57 -37.94 -17.03
CA ASN B 205 19.24 -38.18 -17.59
C ASN B 205 18.54 -39.34 -16.90
N ASN B 206 19.32 -40.24 -16.31
CA ASN B 206 18.77 -41.39 -15.60
C ASN B 206 18.43 -41.07 -14.15
N GLU B 207 18.75 -39.85 -13.72
CA GLU B 207 18.38 -39.42 -12.37
C GLU B 207 16.87 -39.37 -12.26
N SER B 208 16.35 -39.53 -11.03
CA SER B 208 14.91 -39.50 -10.79
C SER B 208 14.28 -38.27 -11.44
N GLU B 209 13.11 -38.47 -12.06
CA GLU B 209 12.41 -37.39 -12.72
C GLU B 209 12.01 -36.29 -11.73
N MET B 210 11.71 -36.68 -10.50
CA MET B 210 11.35 -35.72 -9.47
C MET B 210 12.49 -34.76 -9.16
N TYR B 211 13.71 -35.28 -9.13
CA TYR B 211 14.87 -34.45 -8.81
C TYR B 211 15.17 -33.44 -9.93
N LYS B 212 15.05 -33.87 -11.18
CA LYS B 212 15.42 -33.03 -12.30
C LYS B 212 14.31 -32.10 -12.77
N LYS B 213 13.06 -32.44 -12.45
CA LYS B 213 11.92 -31.65 -12.92
C LYS B 213 11.14 -30.95 -11.80
N GLY B 214 11.32 -31.41 -10.57
CA GLY B 214 10.56 -30.86 -9.45
C GLY B 214 9.21 -31.53 -9.31
N THR B 215 8.32 -30.92 -8.54
CA THR B 215 7.01 -31.52 -8.26
C THR B 215 5.83 -30.63 -8.66
N ILE B 216 4.90 -31.19 -9.43
CA ILE B 216 3.68 -30.49 -9.81
C ILE B 216 2.43 -31.17 -9.22
N ILE B 217 1.61 -30.43 -8.49
CA ILE B 217 0.33 -30.95 -8.02
C ILE B 217 -0.79 -30.17 -8.69
N VAL B 218 -1.63 -30.84 -9.48
CA VAL B 218 -2.70 -30.13 -10.19
C VAL B 218 -4.08 -30.71 -9.86
N ARG B 219 -5.07 -29.85 -9.74
CA ARG B 219 -6.45 -30.26 -9.53
C ARG B 219 -7.08 -30.73 -10.84
N GLU B 220 -7.45 -32.00 -10.90
CA GLU B 220 -8.03 -32.58 -12.10
C GLU B 220 -9.52 -32.84 -11.93
N GLU B 248 -10.07 -34.25 -9.00
CA GLU B 248 -9.02 -35.13 -8.51
C GLU B 248 -7.69 -34.37 -8.36
N LEU B 249 -6.89 -34.76 -7.39
CA LEU B 249 -5.56 -34.16 -7.20
C LEU B 249 -4.49 -35.09 -7.71
N LYS B 250 -3.83 -34.69 -8.80
CA LYS B 250 -2.81 -35.53 -9.42
C LYS B 250 -1.41 -34.92 -9.37
N ILE B 251 -0.41 -35.76 -9.09
CA ILE B 251 0.98 -35.31 -9.01
C ILE B 251 1.77 -35.72 -10.26
N TYR B 252 2.46 -34.77 -10.88
CA TYR B 252 3.27 -35.00 -12.06
C TYR B 252 4.68 -34.50 -11.82
N HIS B 253 5.65 -35.07 -12.53
CA HIS B 253 7.03 -34.58 -12.48
C HIS B 253 7.56 -34.46 -13.89
N VAL B 254 6.93 -33.60 -14.68
CA VAL B 254 7.21 -33.50 -16.11
C VAL B 254 7.59 -32.08 -16.51
N ASP B 255 8.08 -31.93 -17.74
CA ASP B 255 8.38 -30.60 -18.26
C ASP B 255 7.08 -29.86 -18.60
N ILE B 256 6.95 -28.64 -18.11
CA ILE B 256 5.77 -27.83 -18.36
C ILE B 256 6.14 -26.53 -19.06
N ILE B 257 7.44 -26.35 -19.28
CA ILE B 257 7.98 -25.15 -19.91
C ILE B 257 7.55 -25.02 -21.37
N ASN B 258 7.83 -26.06 -22.15
CA ASN B 258 7.56 -26.02 -23.59
C ASN B 258 6.29 -26.75 -24.01
N ASP B 259 5.79 -27.62 -23.14
CA ASP B 259 4.60 -28.43 -23.45
C ASP B 259 3.31 -27.61 -23.34
N ASP B 260 2.96 -26.91 -24.42
CA ASP B 260 1.77 -26.09 -24.45
C ASP B 260 0.47 -26.89 -24.26
N SER B 261 0.45 -28.10 -24.80
CA SER B 261 -0.74 -28.95 -24.75
C SER B 261 -1.11 -29.32 -23.32
N TRP B 262 -0.10 -29.40 -22.45
CA TRP B 262 -0.34 -29.70 -21.04
C TRP B 262 -1.19 -28.62 -20.40
N TRP B 263 -0.95 -27.38 -20.80
CA TRP B 263 -1.72 -26.25 -20.29
C TRP B 263 -3.07 -26.17 -20.99
N LYS B 264 -3.04 -26.26 -22.32
CA LYS B 264 -4.25 -26.20 -23.14
C LYS B 264 -5.30 -27.24 -22.75
N SER B 265 -4.83 -28.42 -22.35
CA SER B 265 -5.73 -29.50 -21.94
C SER B 265 -6.31 -29.25 -20.55
N ARG B 266 -5.84 -28.20 -19.88
CA ARG B 266 -6.36 -27.84 -18.57
C ARG B 266 -6.85 -26.40 -18.53
N PRO B 267 -7.96 -26.11 -19.22
CA PRO B 267 -8.48 -24.74 -19.30
C PRO B 267 -9.03 -24.22 -17.98
N TRP B 268 -9.39 -25.11 -17.06
CA TRP B 268 -9.92 -24.69 -15.76
C TRP B 268 -8.86 -23.99 -14.92
N LEU B 269 -7.60 -24.15 -15.32
CA LEU B 269 -6.50 -23.43 -14.69
C LEU B 269 -6.63 -21.95 -15.01
N LYS B 270 -7.10 -21.67 -16.21
CA LYS B 270 -7.29 -20.31 -16.70
C LYS B 270 -8.50 -19.63 -16.05
N ASP B 271 -9.41 -20.43 -15.49
CA ASP B 271 -10.66 -19.88 -14.97
C ASP B 271 -10.76 -20.03 -13.46
N SER C 7 -27.31 -1.65 -10.37
CA SER C 7 -26.68 -1.56 -11.69
C SER C 7 -25.69 -2.71 -11.88
N LYS C 8 -25.55 -3.16 -13.13
CA LYS C 8 -24.66 -4.28 -13.45
C LYS C 8 -23.23 -3.86 -13.75
N TYR C 9 -22.98 -2.55 -13.70
CA TYR C 9 -21.66 -2.01 -14.00
C TYR C 9 -20.95 -1.45 -12.76
N GLU C 10 -21.69 -1.23 -11.67
CA GLU C 10 -21.08 -0.62 -10.47
C GLU C 10 -19.95 -1.45 -9.85
N TYR C 11 -19.88 -2.72 -10.19
CA TYR C 11 -18.89 -3.62 -9.57
C TYR C 11 -17.45 -3.15 -9.74
N VAL C 12 -17.17 -2.42 -10.81
CA VAL C 12 -15.82 -1.94 -11.06
C VAL C 12 -15.31 -1.06 -9.91
N LYS C 13 -16.24 -0.53 -9.12
CA LYS C 13 -15.88 0.30 -7.98
C LYS C 13 -14.98 -0.48 -7.01
N LEU C 14 -15.09 -1.80 -7.04
CA LEU C 14 -14.31 -2.65 -6.16
C LEU C 14 -12.82 -2.70 -6.48
N PHE C 15 -12.41 -2.17 -7.63
CA PHE C 15 -10.99 -2.21 -7.99
C PHE C 15 -10.23 -1.02 -7.39
N GLU C 16 -10.98 -0.09 -6.80
CA GLU C 16 -10.38 1.09 -6.20
C GLU C 16 -9.68 0.80 -4.87
N LYS C 17 -8.55 1.48 -4.64
CA LYS C 17 -7.82 1.36 -3.37
C LYS C 17 -7.56 2.72 -2.69
N GLU C 18 -8.08 2.89 -1.48
CA GLU C 18 -7.81 4.09 -0.69
C GLU C 18 -6.62 3.90 0.23
N ASN C 19 -5.88 4.97 0.47
CA ASN C 19 -4.76 4.95 1.41
C ASN C 19 -4.91 6.05 2.46
N TYR C 20 -5.29 5.66 3.67
CA TYR C 20 -5.38 6.61 4.77
C TYR C 20 -4.04 6.71 5.49
N LEU C 21 -3.49 7.92 5.53
CA LEU C 21 -2.21 8.16 6.18
C LEU C 21 -2.30 7.92 7.68
N LEU C 22 -1.33 7.18 8.21
CA LEU C 22 -1.21 6.90 9.64
C LEU C 22 -1.53 8.11 10.52
N PRO C 23 -2.53 7.96 11.40
CA PRO C 23 -2.98 9.00 12.32
C PRO C 23 -1.88 9.41 13.30
N ASP C 24 -2.05 10.59 13.90
CA ASP C 24 -1.13 11.15 14.91
C ASP C 24 0.33 11.20 14.42
N THR C 25 0.50 11.45 13.12
CA THR C 25 1.82 11.57 12.53
C THR C 25 1.93 12.89 11.77
N TYR C 26 3.09 13.53 11.84
CA TYR C 26 3.30 14.78 11.12
C TYR C 26 3.29 14.50 9.63
N ILE C 27 2.59 15.34 8.87
CA ILE C 27 2.50 15.13 7.44
C ILE C 27 3.27 16.22 6.71
N ILE C 28 4.17 15.86 5.81
CA ILE C 28 4.76 16.88 4.96
C ILE C 28 4.32 16.68 3.53
N ILE C 29 3.74 17.73 2.95
CA ILE C 29 3.39 17.70 1.53
C ILE C 29 4.31 18.60 0.75
N ARG C 30 5.11 18.03 -0.13
CA ARG C 30 6.01 18.82 -0.94
C ARG C 30 5.54 18.90 -2.38
N VAL C 31 5.37 20.12 -2.87
CA VAL C 31 5.01 20.36 -4.26
C VAL C 31 6.21 20.86 -5.04
N ASP C 32 6.33 20.44 -6.28
CA ASP C 32 7.49 20.80 -7.10
C ASP C 32 7.13 21.08 -8.56
N GLY C 33 7.59 22.22 -9.05
CA GLY C 33 7.37 22.64 -10.43
C GLY C 33 7.83 21.66 -11.48
N LYS C 34 6.95 21.37 -12.44
CA LYS C 34 7.31 20.45 -13.51
C LYS C 34 8.12 21.15 -14.59
N GLY C 35 9.37 20.74 -14.74
CA GLY C 35 10.25 21.29 -15.77
C GLY C 35 10.37 22.80 -15.76
N PHE C 36 10.53 23.38 -14.58
CA PHE C 36 10.58 24.83 -14.44
C PHE C 36 11.86 25.49 -14.95
N HIS C 37 12.86 24.70 -15.33
CA HIS C 37 14.02 25.25 -16.02
C HIS C 37 13.63 25.70 -17.43
N LYS C 38 13.02 24.80 -18.19
CA LYS C 38 12.54 25.09 -19.53
C LYS C 38 11.47 26.17 -19.46
N PHE C 39 10.66 26.11 -18.41
CA PHE C 39 9.63 27.09 -18.13
C PHE C 39 10.27 28.47 -17.92
N SER C 40 11.35 28.49 -17.15
CA SER C 40 12.06 29.73 -16.89
C SER C 40 12.67 30.28 -18.17
N GLN C 41 13.08 29.38 -19.07
CA GLN C 41 13.67 29.78 -20.34
C GLN C 41 12.64 30.41 -21.29
N PHE C 42 11.50 29.74 -21.45
CA PHE C 42 10.46 30.23 -22.34
C PHE C 42 9.94 31.62 -21.97
N TYR C 43 9.73 31.85 -20.68
CA TYR C 43 9.18 33.12 -20.21
C TYR C 43 10.25 34.12 -19.80
N GLU C 44 11.49 33.85 -20.21
CA GLU C 44 12.62 34.75 -19.98
C GLU C 44 12.80 35.18 -18.52
N PHE C 45 12.95 34.21 -17.63
CA PHE C 45 13.23 34.51 -16.23
C PHE C 45 14.60 35.18 -16.07
N GLU C 46 14.70 36.10 -15.12
CA GLU C 46 15.99 36.68 -14.76
C GLU C 46 16.82 35.60 -14.09
N LYS C 47 18.13 35.63 -14.32
CA LYS C 47 19.03 34.64 -13.73
C LYS C 47 20.09 35.31 -12.87
N PRO C 48 20.54 34.65 -11.79
CA PRO C 48 20.14 33.31 -11.32
C PRO C 48 18.74 33.26 -10.72
N ASN C 49 18.28 34.36 -10.11
CA ASN C 49 16.97 34.39 -9.47
C ASN C 49 16.08 35.50 -10.00
N ASP C 50 14.88 35.14 -10.44
CA ASP C 50 13.90 36.12 -10.86
C ASP C 50 12.95 36.36 -9.69
N LEU C 51 13.06 37.54 -9.12
CA LEU C 51 12.36 37.92 -7.91
C LEU C 51 10.83 37.81 -7.97
N LYS C 52 10.23 38.38 -9.02
CA LYS C 52 8.78 38.36 -9.16
C LYS C 52 8.23 36.95 -9.24
N ALA C 53 8.97 36.04 -9.88
CA ALA C 53 8.57 34.65 -9.95
C ALA C 53 8.51 34.04 -8.56
N LEU C 54 9.49 34.39 -7.74
CA LEU C 54 9.53 33.89 -6.37
C LEU C 54 8.39 34.46 -5.57
N GLN C 55 7.97 35.68 -5.91
CA GLN C 55 6.81 36.26 -5.24
C GLN C 55 5.52 35.62 -5.70
N VAL C 56 5.47 35.14 -6.94
CA VAL C 56 4.31 34.39 -7.41
C VAL C 56 4.22 33.08 -6.64
N MET C 57 5.36 32.40 -6.52
CA MET C 57 5.42 31.17 -5.75
C MET C 57 4.96 31.39 -4.32
N ASN C 58 5.55 32.40 -3.68
CA ASN C 58 5.22 32.73 -2.30
C ASN C 58 3.78 33.16 -2.11
N SER C 59 3.23 33.87 -3.09
CA SER C 59 1.83 34.29 -3.03
C SER C 59 0.92 33.08 -3.08
N ALA C 60 1.19 32.17 -4.02
CA ALA C 60 0.39 30.95 -4.16
C ALA C 60 0.43 30.14 -2.87
N ALA C 61 1.65 29.94 -2.36
CA ALA C 61 1.84 29.18 -1.14
C ALA C 61 1.14 29.82 0.05
N GLU C 62 1.26 31.14 0.18
CA GLU C 62 0.65 31.86 1.28
C GLU C 62 -0.87 31.80 1.24
N LYS C 63 -1.44 31.95 0.05
CA LYS C 63 -2.88 31.85 -0.12
C LYS C 63 -3.40 30.45 0.21
N LEU C 64 -2.69 29.44 -0.29
CA LEU C 64 -3.04 28.06 -0.04
C LEU C 64 -3.02 27.81 1.47
N MET C 65 -1.93 28.23 2.12
CA MET C 65 -1.77 28.11 3.55
C MET C 65 -2.84 28.86 4.35
N SER C 66 -3.25 30.01 3.83
CA SER C 66 -4.28 30.82 4.47
C SER C 66 -5.61 30.10 4.40
N LYS C 67 -5.82 29.31 3.36
CA LYS C 67 -7.09 28.62 3.19
C LYS C 67 -7.22 27.42 4.12
N TYR C 68 -6.10 26.79 4.48
CA TYR C 68 -6.14 25.58 5.29
C TYR C 68 -5.32 25.69 6.59
N SER C 69 -6.00 25.96 7.69
CA SER C 69 -5.35 26.17 8.98
C SER C 69 -4.49 25.02 9.48
N ASP C 70 -4.69 23.82 8.95
CA ASP C 70 -3.92 22.67 9.40
C ASP C 70 -2.45 22.80 8.96
N VAL C 71 -2.22 23.64 7.96
CA VAL C 71 -0.85 23.93 7.52
C VAL C 71 -0.20 24.85 8.54
N MET C 72 0.77 24.33 9.29
CA MET C 72 1.40 25.08 10.37
C MET C 72 2.61 25.86 9.90
N LEU C 73 3.32 25.30 8.92
CA LEU C 73 4.57 25.88 8.46
C LEU C 73 4.82 25.57 6.98
N ALA C 74 5.39 26.52 6.26
CA ALA C 74 5.72 26.30 4.86
C ALA C 74 7.12 26.81 4.53
N TYR C 75 7.87 26.05 3.74
CA TYR C 75 9.18 26.52 3.29
C TYR C 75 9.34 26.36 1.79
N GLY C 76 9.65 27.46 1.09
CA GLY C 76 9.77 27.38 -0.34
C GLY C 76 11.00 28.03 -0.92
N ASP C 77 11.49 27.47 -2.03
CA ASP C 77 12.61 28.05 -2.74
C ASP C 77 12.66 27.50 -4.15
N SER C 78 13.19 28.30 -5.08
CA SER C 78 13.25 27.89 -6.48
C SER C 78 11.86 27.49 -6.97
N ASP C 79 11.73 26.25 -7.41
CA ASP C 79 10.46 25.71 -7.88
C ASP C 79 9.81 24.71 -6.92
N GLU C 80 10.27 24.67 -5.67
CA GLU C 80 9.71 23.73 -4.70
C GLU C 80 9.13 24.41 -3.46
N TYR C 81 8.18 23.74 -2.83
CA TYR C 81 7.58 24.21 -1.58
C TYR C 81 7.15 23.05 -0.70
N SER C 82 7.47 23.14 0.60
CA SER C 82 7.13 22.10 1.57
C SER C 82 6.10 22.62 2.57
N PHE C 83 5.08 21.80 2.84
CA PHE C 83 4.01 22.18 3.76
C PHE C 83 3.87 21.21 4.93
N LEU C 84 3.91 21.72 6.16
CA LEU C 84 3.75 20.88 7.34
C LEU C 84 2.31 20.89 7.86
N LEU C 85 1.71 19.72 7.88
CA LEU C 85 0.38 19.53 8.44
C LEU C 85 0.49 18.80 9.79
N ARG C 86 -0.16 19.38 10.80
CA ARG C 86 -0.17 18.90 12.19
C ARG C 86 -0.62 17.44 12.39
N LYS C 87 -0.10 16.79 13.44
CA LYS C 87 -0.33 15.37 13.70
C LYS C 87 -1.80 14.95 13.76
N ASN C 88 -2.66 15.83 14.24
CA ASN C 88 -4.06 15.48 14.41
C ASN C 88 -4.95 16.05 13.31
N CYS C 89 -4.31 16.38 12.18
CA CYS C 89 -5.02 16.86 11.01
C CYS C 89 -5.98 15.78 10.53
N GLN C 90 -7.20 16.17 10.19
CA GLN C 90 -8.20 15.23 9.71
C GLN C 90 -8.73 15.66 8.34
N LEU C 91 -7.97 16.53 7.69
CA LEU C 91 -8.32 17.03 6.37
C LEU C 91 -8.51 15.88 5.38
N TYR C 92 -9.68 15.82 4.77
CA TYR C 92 -10.04 14.74 3.84
C TYR C 92 -9.88 13.36 4.46
N GLU C 93 -10.08 13.29 5.78
CA GLU C 93 -9.95 12.05 6.55
C GLU C 93 -8.55 11.46 6.38
N ARG C 94 -7.58 12.32 6.12
CA ARG C 94 -6.19 11.92 5.92
C ARG C 94 -6.06 10.98 4.73
N ARG C 95 -6.91 11.16 3.72
CA ARG C 95 -6.77 10.41 2.49
C ARG C 95 -5.62 11.01 1.69
N GLU C 96 -4.58 10.21 1.47
CA GLU C 96 -3.36 10.67 0.83
C GLU C 96 -3.60 11.28 -0.55
N MET C 97 -4.38 10.56 -1.37
CA MET C 97 -4.66 10.98 -2.74
C MET C 97 -5.37 12.32 -2.83
N LYS C 98 -6.39 12.50 -2.01
CA LYS C 98 -7.14 13.75 -2.01
C LYS C 98 -6.21 14.88 -1.65
N LEU C 99 -5.40 14.67 -0.63
CA LEU C 99 -4.47 15.68 -0.17
C LEU C 99 -3.50 16.08 -1.27
N THR C 100 -2.90 15.09 -1.92
CA THR C 100 -1.87 15.38 -2.92
C THR C 100 -2.42 15.99 -4.23
N THR C 101 -3.50 15.42 -4.75
CA THR C 101 -4.06 15.95 -5.99
C THR C 101 -4.66 17.33 -5.73
N LEU C 102 -5.22 17.53 -4.54
CA LEU C 102 -5.77 18.82 -4.19
C LEU C 102 -4.66 19.86 -4.06
N PHE C 103 -3.57 19.49 -3.39
CA PHE C 103 -2.45 20.41 -3.23
C PHE C 103 -1.79 20.76 -4.56
N SER C 104 -1.62 19.78 -5.44
CA SER C 104 -1.02 20.05 -6.74
C SER C 104 -1.92 20.95 -7.59
N SER C 105 -3.22 20.66 -7.57
CA SER C 105 -4.16 21.45 -8.34
C SER C 105 -4.17 22.89 -7.83
N LEU C 106 -4.19 23.04 -6.51
CA LEU C 106 -4.22 24.36 -5.89
C LEU C 106 -2.97 25.17 -6.20
N MET C 107 -1.79 24.57 -6.03
CA MET C 107 -0.55 25.28 -6.32
C MET C 107 -0.48 25.70 -7.78
N SER C 108 -0.89 24.80 -8.68
CA SER C 108 -0.87 25.14 -10.10
C SER C 108 -1.80 26.31 -10.42
N THR C 109 -3.03 26.23 -9.94
CA THR C 109 -4.02 27.26 -10.24
C THR C 109 -3.66 28.61 -9.62
N TYR C 110 -3.27 28.61 -8.35
CA TYR C 110 -2.87 29.85 -7.67
C TYR C 110 -1.65 30.45 -8.35
N TYR C 111 -0.72 29.60 -8.77
CA TYR C 111 0.44 30.10 -9.49
C TYR C 111 -0.02 30.78 -10.80
N MET C 112 -0.93 30.14 -11.53
CA MET C 112 -1.47 30.76 -12.74
C MET C 112 -2.12 32.11 -12.47
N TYR C 113 -2.90 32.18 -11.39
CA TYR C 113 -3.60 33.41 -11.04
C TYR C 113 -2.61 34.54 -10.71
N PHE C 114 -1.75 34.30 -9.73
CA PHE C 114 -0.78 35.31 -9.32
C PHE C 114 0.18 35.65 -10.45
N TRP C 115 0.40 34.72 -11.37
CA TRP C 115 1.19 35.04 -12.55
C TRP C 115 0.43 36.02 -13.41
N SER C 116 -0.86 35.78 -13.58
CA SER C 116 -1.71 36.68 -14.36
C SER C 116 -1.74 38.06 -13.73
N GLN C 117 -1.49 38.13 -12.42
CA GLN C 117 -1.43 39.41 -11.70
C GLN C 117 -0.07 40.12 -11.83
N TYR C 118 1.01 39.35 -11.73
CA TYR C 118 2.36 39.93 -11.75
C TYR C 118 2.94 40.15 -13.15
N PHE C 119 2.57 39.29 -14.10
CA PHE C 119 3.09 39.40 -15.46
C PHE C 119 1.99 39.54 -16.52
N PRO C 120 1.32 40.71 -16.56
CA PRO C 120 0.31 40.95 -17.61
C PRO C 120 0.93 41.09 -18.98
N ASP C 121 2.22 41.42 -19.01
CA ASP C 121 2.96 41.59 -20.25
C ASP C 121 3.26 40.25 -20.92
N LYS C 122 3.34 39.20 -20.11
CA LYS C 122 3.63 37.86 -20.62
C LYS C 122 2.47 36.91 -20.36
N PRO C 123 1.41 36.99 -21.19
CA PRO C 123 0.29 36.06 -21.01
C PRO C 123 0.76 34.63 -21.22
N LEU C 124 0.26 33.70 -20.41
CA LEU C 124 0.73 32.33 -20.44
C LEU C 124 0.30 31.60 -21.71
N HIS C 125 1.21 30.80 -22.26
CA HIS C 125 0.93 30.03 -23.45
C HIS C 125 0.51 28.61 -23.07
N ILE C 126 -0.48 28.09 -23.80
CA ILE C 126 -1.07 26.79 -23.49
C ILE C 126 -0.07 25.63 -23.36
N ASP C 127 1.05 25.71 -24.06
CA ASP C 127 2.03 24.63 -24.06
C ASP C 127 3.08 24.83 -22.97
N HIS C 128 2.97 25.93 -22.23
CA HIS C 128 3.89 26.19 -21.13
C HIS C 128 3.19 26.71 -19.89
N LEU C 129 2.24 25.94 -19.38
CA LEU C 129 1.57 26.29 -18.12
C LEU C 129 2.34 25.72 -16.94
N PRO C 130 2.28 26.40 -15.79
CA PRO C 130 3.03 25.92 -14.62
C PRO C 130 2.35 24.71 -13.99
N ASN C 131 3.02 23.56 -14.06
CA ASN C 131 2.50 22.36 -13.44
C ASN C 131 3.33 21.94 -12.23
N PHE C 132 2.65 21.36 -11.25
CA PHE C 132 3.31 20.94 -10.02
C PHE C 132 2.98 19.49 -9.73
N ASP C 133 3.98 18.74 -9.27
CA ASP C 133 3.68 17.44 -8.69
C ASP C 133 3.59 17.65 -7.18
N ALA C 134 3.20 16.62 -6.46
CA ALA C 134 3.06 16.72 -5.02
C ALA C 134 3.23 15.34 -4.39
N ARG C 135 4.03 15.29 -3.34
CA ARG C 135 4.26 14.04 -2.64
C ARG C 135 4.09 14.22 -1.14
N ALA C 136 3.54 13.19 -0.49
CA ALA C 136 3.34 13.23 0.96
C ALA C 136 4.30 12.30 1.66
N VAL C 137 4.90 12.78 2.74
CA VAL C 137 5.83 12.01 3.55
C VAL C 137 5.44 12.07 5.02
N LEU C 138 5.45 10.92 5.69
CA LEU C 138 5.09 10.87 7.11
C LEU C 138 6.32 10.86 8.02
N TYR C 139 6.27 11.66 9.08
CA TYR C 139 7.34 11.70 10.07
C TYR C 139 6.76 11.61 11.47
N PRO C 140 7.15 10.59 12.24
CA PRO C 140 6.61 10.26 13.56
C PRO C 140 7.13 11.12 14.72
N ASP C 141 8.28 11.77 14.54
CA ASP C 141 8.83 12.62 15.60
C ASP C 141 9.24 13.99 15.08
N PHE C 142 9.01 15.02 15.90
CA PHE C 142 9.27 16.40 15.48
C PHE C 142 10.73 16.65 15.12
N LYS C 143 11.64 15.91 15.77
CA LYS C 143 13.06 16.06 15.46
C LYS C 143 13.33 15.80 13.98
N HIS C 144 12.53 14.88 13.42
CA HIS C 144 12.67 14.54 12.02
C HIS C 144 12.08 15.65 11.16
N ILE C 145 11.15 16.41 11.71
CA ILE C 145 10.60 17.56 11.01
C ILE C 145 11.67 18.65 10.91
N ARG C 146 12.32 18.92 12.04
CA ARG C 146 13.41 19.89 12.11
C ARG C 146 14.50 19.49 11.13
N ASN C 147 14.86 18.21 11.13
CA ASN C 147 15.89 17.73 10.21
C ASN C 147 15.45 17.81 8.76
N TYR C 148 14.14 17.67 8.51
CA TYR C 148 13.65 17.78 7.15
C TYR C 148 13.84 19.19 6.63
N PHE C 149 13.31 20.16 7.36
CA PHE C 149 13.42 21.54 6.92
C PHE C 149 14.87 22.03 6.90
N SER C 150 15.69 21.46 7.77
CA SER C 150 17.12 21.73 7.74
C SER C 150 17.69 21.24 6.41
N TRP C 151 17.32 20.02 6.02
CA TRP C 151 17.73 19.45 4.74
C TRP C 151 17.33 20.36 3.59
N ARG C 152 16.09 20.84 3.62
CA ARG C 152 15.59 21.69 2.54
C ARG C 152 16.36 22.99 2.46
N GLN C 153 16.68 23.58 3.60
CA GLN C 153 17.40 24.85 3.58
C GLN C 153 18.83 24.66 3.09
N VAL C 154 19.47 23.56 3.51
CA VAL C 154 20.82 23.24 3.04
C VAL C 154 20.84 23.04 1.52
N ASP C 155 19.86 22.31 1.01
CA ASP C 155 19.76 22.08 -0.43
C ASP C 155 19.53 23.41 -1.14
N CYS C 156 18.74 24.28 -0.51
CA CYS C 156 18.47 25.60 -1.05
C CYS C 156 19.75 26.42 -1.18
N HIS C 157 20.58 26.36 -0.14
CA HIS C 157 21.87 27.04 -0.14
C HIS C 157 22.75 26.53 -1.26
N ILE C 158 22.87 25.21 -1.35
CA ILE C 158 23.67 24.57 -2.39
C ILE C 158 23.24 25.00 -3.80
N ASN C 159 21.94 24.87 -4.08
CA ASN C 159 21.41 25.21 -5.40
C ASN C 159 21.54 26.71 -5.72
N ASN C 160 21.32 27.55 -4.71
CA ASN C 160 21.47 28.99 -4.91
C ASN C 160 22.91 29.42 -5.19
N LEU C 161 23.85 28.86 -4.42
CA LEU C 161 25.27 29.14 -4.63
C LEU C 161 25.69 28.70 -6.02
N TYR C 162 25.25 27.50 -6.40
CA TYR C 162 25.56 26.96 -7.71
C TYR C 162 25.00 27.87 -8.81
N ASN C 163 23.74 28.25 -8.69
CA ASN C 163 23.10 29.08 -9.71
C ASN C 163 23.70 30.48 -9.82
N THR C 164 24.08 31.07 -8.69
CA THR C 164 24.70 32.39 -8.72
C THR C 164 26.07 32.33 -9.37
N THR C 165 26.87 31.32 -9.02
CA THR C 165 28.20 31.16 -9.62
C THR C 165 28.11 30.87 -11.12
N PHE C 166 27.26 29.91 -11.48
CA PHE C 166 26.99 29.53 -12.86
C PHE C 166 26.60 30.72 -13.73
N TRP C 167 25.53 31.40 -13.30
CA TRP C 167 24.99 32.52 -14.07
C TRP C 167 25.89 33.76 -14.04
N ASN C 168 26.72 33.91 -13.01
CA ASN C 168 27.72 34.97 -13.03
C ASN C 168 28.85 34.65 -14.00
N LEU C 169 29.20 33.38 -14.14
CA LEU C 169 30.19 32.97 -15.12
C LEU C 169 29.66 33.11 -16.55
N VAL C 170 28.38 32.81 -16.76
CA VAL C 170 27.79 32.98 -18.10
C VAL C 170 27.44 34.44 -18.44
N LEU C 171 26.79 35.14 -17.51
CA LEU C 171 26.31 36.50 -17.76
C LEU C 171 27.35 37.62 -17.56
N LYS C 172 28.02 37.61 -16.41
CA LYS C 172 28.96 38.68 -16.08
C LYS C 172 30.21 38.49 -16.94
N LEU C 173 30.65 37.23 -17.04
CA LEU C 173 31.72 36.90 -17.97
C LEU C 173 31.00 36.63 -19.29
N LYS C 174 31.57 35.79 -20.15
CA LYS C 174 30.91 35.49 -21.42
C LYS C 174 31.00 34.00 -21.75
N MET C 175 30.88 33.17 -20.73
CA MET C 175 30.98 31.73 -20.91
C MET C 175 29.69 31.10 -21.44
N THR C 176 29.84 29.93 -22.06
CA THR C 176 28.71 29.11 -22.48
C THR C 176 28.23 28.32 -21.27
N PRO C 177 26.92 28.03 -21.18
CA PRO C 177 26.40 27.22 -20.06
C PRO C 177 27.17 25.92 -19.84
N GLN C 178 27.55 25.23 -20.91
CA GLN C 178 28.35 24.02 -20.78
C GLN C 178 29.76 24.33 -20.27
N GLN C 179 30.29 25.46 -20.72
CA GLN C 179 31.61 25.92 -20.32
C GLN C 179 31.66 26.18 -18.82
N ALA C 180 30.65 26.89 -18.33
CA ALA C 180 30.49 27.18 -16.92
C ALA C 180 30.29 25.89 -16.13
N GLU C 181 29.53 24.97 -16.71
CA GLU C 181 29.28 23.69 -16.06
C GLU C 181 30.58 22.93 -15.83
N GLN C 182 31.40 22.84 -16.88
CA GLN C 182 32.69 22.17 -16.78
C GLN C 182 33.64 22.90 -15.84
N ARG C 183 33.55 24.24 -15.83
CA ARG C 183 34.36 25.06 -14.94
C ARG C 183 34.04 24.79 -13.48
N LEU C 184 32.76 24.53 -13.18
CA LEU C 184 32.33 24.29 -11.80
C LEU C 184 32.42 22.83 -11.35
N MET C 185 32.78 21.93 -12.26
CA MET C 185 32.88 20.51 -11.91
C MET C 185 33.88 20.19 -10.81
N GLY C 186 33.42 19.47 -9.80
CA GLY C 186 34.26 19.02 -8.70
C GLY C 186 34.69 20.15 -7.80
N THR C 187 34.02 21.29 -7.96
CA THR C 187 34.31 22.47 -7.16
C THR C 187 33.43 22.48 -5.90
N VAL C 188 33.98 23.00 -4.81
CA VAL C 188 33.25 23.08 -3.54
C VAL C 188 32.91 24.53 -3.21
N ALA C 189 32.08 24.72 -2.18
CA ALA C 189 31.61 26.03 -1.73
C ALA C 189 32.71 27.09 -1.66
N SER C 190 33.86 26.70 -1.12
CA SER C 190 35.00 27.60 -0.99
C SER C 190 35.46 28.09 -2.35
N ASP C 191 35.53 27.16 -3.29
CA ASP C 191 35.93 27.44 -4.66
C ASP C 191 34.91 28.30 -5.39
N LYS C 192 33.62 28.04 -5.16
CA LYS C 192 32.57 28.85 -5.77
C LYS C 192 32.62 30.28 -5.27
N ASN C 193 32.83 30.43 -3.96
CA ASN C 193 32.92 31.75 -3.36
C ASN C 193 34.11 32.49 -3.92
N GLU C 194 35.24 31.80 -4.01
CA GLU C 194 36.47 32.37 -4.51
C GLU C 194 36.39 32.75 -5.99
N ILE C 195 35.72 31.91 -6.79
CA ILE C 195 35.47 32.22 -8.20
C ILE C 195 34.59 33.45 -8.36
N LEU C 196 33.52 33.52 -7.57
CA LEU C 196 32.63 34.68 -7.63
C LEU C 196 33.41 35.95 -7.30
N PHE C 197 34.20 35.88 -6.24
CA PHE C 197 34.99 37.02 -5.77
C PHE C 197 36.10 37.47 -6.72
N LYS C 198 37.00 36.56 -7.04
CA LYS C 198 38.15 36.88 -7.88
C LYS C 198 37.78 37.12 -9.33
N GLU C 199 36.91 36.26 -9.86
CA GLU C 199 36.60 36.29 -11.29
C GLU C 199 35.35 37.10 -11.65
N CYS C 200 34.34 37.10 -10.78
CA CYS C 200 33.11 37.80 -11.11
C CYS C 200 32.96 39.09 -10.30
N GLY C 201 33.74 39.24 -9.24
CA GLY C 201 33.65 40.42 -8.40
C GLY C 201 32.32 40.51 -7.68
N VAL C 202 31.82 39.35 -7.25
CA VAL C 202 30.53 39.30 -6.56
C VAL C 202 30.66 38.72 -5.15
N ASN C 203 30.17 39.47 -4.17
CA ASN C 203 30.14 38.99 -2.79
C ASN C 203 28.82 38.27 -2.55
N TYR C 204 28.89 36.96 -2.45
CA TYR C 204 27.73 36.10 -2.28
C TYR C 204 26.89 36.49 -1.06
N ASN C 205 27.56 36.76 0.06
CA ASN C 205 26.86 37.10 1.30
C ASN C 205 25.98 38.35 1.19
N ASN C 206 26.28 39.23 0.24
CA ASN C 206 25.52 40.46 0.06
C ASN C 206 24.29 40.27 -0.81
N GLU C 207 24.14 39.06 -1.33
CA GLU C 207 22.96 38.69 -2.11
C GLU C 207 21.75 38.75 -1.18
N SER C 208 20.57 38.97 -1.76
CA SER C 208 19.34 39.02 -0.98
C SER C 208 19.20 37.80 -0.04
N GLU C 209 18.76 38.04 1.19
CA GLU C 209 18.59 37.00 2.19
C GLU C 209 17.59 35.92 1.75
N MET C 210 16.58 36.35 1.00
CA MET C 210 15.57 35.46 0.46
C MET C 210 16.20 34.44 -0.49
N TYR C 211 17.16 34.90 -1.29
CA TYR C 211 17.82 34.04 -2.27
C TYR C 211 18.68 32.96 -1.61
N LYS C 212 19.38 33.35 -0.55
CA LYS C 212 20.34 32.45 0.12
C LYS C 212 19.72 31.56 1.20
N LYS C 213 18.61 31.99 1.77
CA LYS C 213 18.02 31.27 2.90
C LYS C 213 16.65 30.67 2.59
N GLY C 214 16.02 31.14 1.52
CA GLY C 214 14.69 30.70 1.15
C GLY C 214 13.54 31.47 1.79
N THR C 215 12.35 30.90 1.74
CA THR C 215 11.15 31.56 2.24
C THR C 215 10.47 30.72 3.32
N ILE C 216 10.18 31.32 4.47
CA ILE C 216 9.46 30.63 5.53
C ILE C 216 8.11 31.30 5.82
N ILE C 217 7.03 30.54 5.78
CA ILE C 217 5.71 31.04 6.18
C ILE C 217 5.24 30.35 7.45
N VAL C 218 5.02 31.12 8.51
CA VAL C 218 4.63 30.53 9.79
C VAL C 218 3.29 31.05 10.28
N ARG C 219 2.49 30.14 10.82
CA ARG C 219 1.25 30.51 11.49
C ARG C 219 1.58 30.99 12.91
N GLU C 220 1.30 32.25 13.19
CA GLU C 220 1.64 32.82 14.50
C GLU C 220 0.42 33.01 15.39
N GLU C 248 -1.99 34.47 12.86
CA GLU C 248 -1.35 35.31 11.85
C GLU C 248 -0.30 34.57 11.02
N LEU C 249 -0.16 34.94 9.75
CA LEU C 249 0.85 34.36 8.87
C LEU C 249 2.01 35.31 8.63
N LYS C 250 3.20 34.95 9.11
CA LYS C 250 4.38 35.79 8.94
C LYS C 250 5.43 35.15 8.03
N ILE C 251 6.04 35.98 7.18
CA ILE C 251 7.07 35.52 6.25
C ILE C 251 8.47 35.90 6.73
N TYR C 252 9.37 34.92 6.74
CA TYR C 252 10.74 35.09 7.21
C TYR C 252 11.76 34.64 6.18
N HIS C 253 12.97 35.18 6.29
CA HIS C 253 14.10 34.74 5.48
C HIS C 253 15.30 34.53 6.40
N VAL C 254 15.17 33.58 7.32
CA VAL C 254 16.17 33.39 8.36
C VAL C 254 16.71 31.98 8.43
N ASP C 255 17.79 31.80 9.18
CA ASP C 255 18.33 30.47 9.42
C ASP C 255 17.45 29.72 10.41
N ILE C 256 17.06 28.51 10.05
CA ILE C 256 16.25 27.65 10.93
C ILE C 256 16.98 26.35 11.25
N ILE C 257 18.15 26.18 10.64
CA ILE C 257 18.95 24.98 10.83
C ILE C 257 19.53 24.87 12.24
N ASN C 258 20.24 25.91 12.66
CA ASN C 258 20.94 25.90 13.95
C ASN C 258 20.22 26.70 15.04
N ASP C 259 19.30 27.56 14.63
CA ASP C 259 18.59 28.42 15.57
C ASP C 259 17.49 27.66 16.32
N ASP C 260 17.88 27.00 17.42
CA ASP C 260 16.95 26.22 18.23
C ASP C 260 15.84 27.07 18.83
N SER C 261 16.18 28.29 19.21
CA SER C 261 15.24 29.21 19.84
C SER C 261 14.07 29.57 18.93
N TRP C 262 14.33 29.60 17.62
CA TRP C 262 13.30 29.90 16.63
C TRP C 262 12.17 28.88 16.70
N TRP C 263 12.54 27.61 16.87
CA TRP C 263 11.58 26.51 16.96
C TRP C 263 10.94 26.40 18.34
N LYS C 264 11.78 26.42 19.37
CA LYS C 264 11.33 26.30 20.76
C LYS C 264 10.34 27.42 21.13
N SER C 265 10.50 28.60 20.52
CA SER C 265 9.60 29.73 20.78
C SER C 265 8.25 29.54 20.09
N ARG C 266 8.16 28.49 19.27
CA ARG C 266 6.93 28.15 18.58
C ARG C 266 6.49 26.71 18.85
N PRO C 267 6.07 26.41 20.09
CA PRO C 267 5.70 25.04 20.46
C PRO C 267 4.43 24.56 19.79
N TRP C 268 3.58 25.47 19.32
CA TRP C 268 2.33 25.08 18.67
C TRP C 268 2.59 24.36 17.34
N LEU C 269 3.80 24.50 16.81
CA LEU C 269 4.20 23.78 15.62
C LEU C 269 4.28 22.28 15.89
N LYS C 270 4.70 21.94 17.10
CA LYS C 270 4.84 20.56 17.55
C LYS C 270 3.50 19.88 17.82
N ASP C 271 2.45 20.68 18.03
CA ASP C 271 1.15 20.13 18.43
C ASP C 271 0.12 20.33 17.32
N SER D 7 25.35 15.07 3.03
CA SER D 7 24.61 15.85 4.02
C SER D 7 24.14 14.98 5.18
N LYS D 8 24.08 15.57 6.38
CA LYS D 8 23.66 14.84 7.57
C LYS D 8 22.14 14.92 7.77
N TYR D 9 21.47 15.61 6.87
CA TYR D 9 20.02 15.82 6.99
C TYR D 9 19.24 15.07 5.92
N GLU D 10 19.92 14.63 4.87
CA GLU D 10 19.27 13.97 3.75
C GLU D 10 18.57 12.65 4.17
N TYR D 11 18.88 12.16 5.36
CA TYR D 11 18.33 10.88 5.83
C TYR D 11 16.81 10.84 5.82
N VAL D 12 16.17 12.00 5.98
CA VAL D 12 14.71 12.08 6.01
C VAL D 12 14.09 11.58 4.69
N LYS D 13 14.90 11.61 3.64
CA LYS D 13 14.47 11.15 2.31
C LYS D 13 14.06 9.68 2.37
N LEU D 14 14.58 8.95 3.34
CA LEU D 14 14.24 7.54 3.51
C LEU D 14 12.81 7.29 3.98
N PHE D 15 12.11 8.34 4.41
CA PHE D 15 10.75 8.15 4.90
C PHE D 15 9.70 8.21 3.77
N GLU D 16 10.12 8.56 2.57
CA GLU D 16 9.21 8.60 1.43
C GLU D 16 8.87 7.19 0.96
N LYS D 17 7.60 6.97 0.60
CA LYS D 17 7.22 5.69 0.02
C LYS D 17 6.50 5.90 -1.32
N GLU D 18 7.10 5.37 -2.37
CA GLU D 18 6.51 5.42 -3.72
C GLU D 18 5.70 4.16 -4.01
N ASN D 19 4.70 4.31 -4.87
CA ASN D 19 3.88 3.18 -5.27
C ASN D 19 3.87 2.98 -6.78
N TYR D 20 4.54 1.92 -7.23
CA TYR D 20 4.57 1.59 -8.65
C TYR D 20 3.38 0.71 -9.02
N LEU D 21 2.55 1.15 -9.96
CA LEU D 21 1.38 0.39 -10.36
C LEU D 21 1.70 -0.93 -11.03
N LEU D 22 1.00 -1.99 -10.62
CA LEU D 22 1.09 -3.33 -11.21
C LEU D 22 1.20 -3.31 -12.73
N PRO D 23 2.28 -3.90 -13.27
CA PRO D 23 2.55 -3.97 -14.71
C PRO D 23 1.49 -4.75 -15.50
N ASP D 24 1.43 -4.51 -16.81
CA ASP D 24 0.51 -5.19 -17.73
C ASP D 24 -0.94 -5.06 -17.24
N THR D 25 -1.26 -3.91 -16.65
CA THR D 25 -2.60 -3.64 -16.18
C THR D 25 -3.08 -2.34 -16.79
N TYR D 26 -4.34 -2.29 -17.21
CA TYR D 26 -4.92 -1.07 -17.76
C TYR D 26 -5.07 -0.05 -16.67
N ILE D 27 -4.70 1.19 -16.94
CA ILE D 27 -4.81 2.22 -15.90
C ILE D 27 -5.92 3.21 -16.22
N ILE D 28 -6.82 3.45 -15.29
CA ILE D 28 -7.77 4.54 -15.48
C ILE D 28 -7.48 5.64 -14.47
N ILE D 29 -7.25 6.85 -14.95
CA ILE D 29 -7.11 7.99 -14.05
C ILE D 29 -8.34 8.87 -14.17
N ARG D 30 -9.08 8.97 -13.08
CA ARG D 30 -10.29 9.76 -13.08
C ARG D 30 -10.10 11.05 -12.30
N VAL D 31 -10.35 12.17 -12.96
CA VAL D 31 -10.31 13.46 -12.30
C VAL D 31 -11.71 14.03 -12.12
N ASP D 32 -11.93 14.70 -11.00
CA ASP D 32 -13.26 15.19 -10.68
C ASP D 32 -13.22 16.58 -10.01
N GLY D 33 -14.04 17.48 -10.53
CA GLY D 33 -14.15 18.83 -10.00
C GLY D 33 -14.53 18.94 -8.53
N LYS D 34 -13.75 19.73 -7.79
CA LYS D 34 -13.98 19.94 -6.36
C LYS D 34 -15.05 21.01 -6.13
N GLY D 35 -16.16 20.61 -5.53
CA GLY D 35 -17.27 21.50 -5.23
C GLY D 35 -17.74 22.26 -6.44
N PHE D 36 -17.83 21.56 -7.57
CA PHE D 36 -18.22 22.17 -8.84
C PHE D 36 -19.71 22.49 -8.87
N HIS D 37 -20.44 22.07 -7.84
CA HIS D 37 -21.81 22.54 -7.65
C HIS D 37 -21.73 24.04 -7.33
N LYS D 38 -20.90 24.36 -6.33
CA LYS D 38 -20.64 25.74 -5.95
C LYS D 38 -19.97 26.53 -7.06
N PHE D 39 -19.08 25.87 -7.78
CA PHE D 39 -18.42 26.52 -8.90
C PHE D 39 -19.48 26.88 -9.94
N SER D 40 -20.40 25.96 -10.21
CA SER D 40 -21.46 26.19 -11.19
C SER D 40 -22.39 27.31 -10.74
N GLN D 41 -22.58 27.44 -9.43
CA GLN D 41 -23.42 28.52 -8.91
C GLN D 41 -22.73 29.88 -9.01
N PHE D 42 -21.47 29.94 -8.56
CA PHE D 42 -20.70 31.19 -8.53
C PHE D 42 -20.55 31.88 -9.87
N TYR D 43 -20.27 31.11 -10.92
CA TYR D 43 -20.07 31.70 -12.23
C TYR D 43 -21.35 31.70 -13.07
N GLU D 44 -22.47 31.50 -12.38
CA GLU D 44 -23.80 31.56 -13.00
C GLU D 44 -23.90 30.67 -14.23
N PHE D 45 -23.61 29.38 -14.04
CA PHE D 45 -23.72 28.41 -15.12
C PHE D 45 -25.17 28.27 -15.56
N GLU D 46 -25.39 28.07 -16.85
CA GLU D 46 -26.73 27.78 -17.33
C GLU D 46 -27.13 26.39 -16.83
N LYS D 47 -28.41 26.21 -16.54
CA LYS D 47 -28.91 24.93 -16.06
C LYS D 47 -29.98 24.39 -17.01
N PRO D 48 -30.07 23.06 -17.14
CA PRO D 48 -29.27 22.02 -16.48
C PRO D 48 -27.85 21.91 -17.03
N ASN D 49 -27.67 22.23 -18.31
CA ASN D 49 -26.36 22.09 -18.94
C ASN D 49 -25.87 23.39 -19.58
N ASP D 50 -24.65 23.77 -19.22
CA ASP D 50 -24.00 24.93 -19.85
C ASP D 50 -23.02 24.46 -20.91
N LEU D 51 -23.37 24.70 -22.17
CA LEU D 51 -22.59 24.22 -23.29
C LEU D 51 -21.13 24.66 -23.25
N LYS D 52 -20.92 25.96 -23.04
CA LYS D 52 -19.57 26.53 -23.06
C LYS D 52 -18.68 25.92 -21.98
N ALA D 53 -19.24 25.65 -20.81
CA ALA D 53 -18.48 25.01 -19.73
C ALA D 53 -18.04 23.61 -20.14
N LEU D 54 -18.95 22.89 -20.79
CA LEU D 54 -18.65 21.54 -21.24
C LEU D 54 -17.58 21.58 -22.31
N GLN D 55 -17.59 22.67 -23.08
CA GLN D 55 -16.60 22.86 -24.13
C GLN D 55 -15.24 23.20 -23.53
N VAL D 56 -15.26 23.85 -22.37
CA VAL D 56 -14.02 24.11 -21.64
C VAL D 56 -13.43 22.79 -21.15
N MET D 57 -14.27 21.97 -20.53
CA MET D 57 -13.83 20.66 -20.04
C MET D 57 -13.26 19.84 -21.20
N ASN D 58 -14.01 19.76 -22.28
CA ASN D 58 -13.63 18.97 -23.45
C ASN D 58 -12.35 19.49 -24.07
N SER D 59 -12.17 20.82 -24.08
CA SER D 59 -10.94 21.41 -24.59
C SER D 59 -9.75 20.98 -23.75
N ALA D 60 -9.91 21.07 -22.43
CA ALA D 60 -8.85 20.67 -21.51
C ALA D 60 -8.46 19.21 -21.71
N ALA D 61 -9.48 18.36 -21.79
CA ALA D 61 -9.28 16.92 -21.98
C ALA D 61 -8.57 16.60 -23.29
N GLU D 62 -9.00 17.24 -24.37
CA GLU D 62 -8.38 17.01 -25.69
C GLU D 62 -6.93 17.47 -25.73
N LYS D 63 -6.66 18.62 -25.11
CA LYS D 63 -5.29 19.11 -25.05
C LYS D 63 -4.40 18.17 -24.23
N LEU D 64 -4.90 17.73 -23.08
CA LEU D 64 -4.15 16.82 -22.22
C LEU D 64 -3.86 15.53 -22.97
N MET D 65 -4.89 14.95 -23.57
CA MET D 65 -4.75 13.71 -24.33
C MET D 65 -3.79 13.90 -25.48
N SER D 66 -3.79 15.09 -26.06
CA SER D 66 -2.90 15.44 -27.15
C SER D 66 -1.45 15.48 -26.65
N LYS D 67 -1.28 15.87 -25.40
CA LYS D 67 0.06 15.99 -24.82
C LYS D 67 0.65 14.64 -24.43
N TYR D 68 -0.20 13.67 -24.09
CA TYR D 68 0.29 12.36 -23.69
C TYR D 68 -0.30 11.23 -24.55
N SER D 69 0.51 10.74 -25.50
CA SER D 69 0.07 9.72 -26.46
C SER D 69 -0.38 8.41 -25.82
N ASP D 70 -0.02 8.17 -24.55
CA ASP D 70 -0.41 6.93 -23.88
C ASP D 70 -1.90 6.83 -23.59
N VAL D 71 -2.57 7.98 -23.55
CA VAL D 71 -4.02 8.01 -23.34
C VAL D 71 -4.77 7.56 -24.59
N MET D 72 -5.40 6.39 -24.52
CA MET D 72 -6.05 5.81 -25.69
C MET D 72 -7.49 6.26 -25.82
N LEU D 73 -8.16 6.45 -24.69
CA LEU D 73 -9.56 6.82 -24.69
C LEU D 73 -9.89 7.65 -23.46
N ALA D 74 -10.75 8.65 -23.63
CA ALA D 74 -11.18 9.48 -22.53
C ALA D 74 -12.69 9.69 -22.56
N TYR D 75 -13.33 9.61 -21.39
CA TYR D 75 -14.77 9.87 -21.32
C TYR D 75 -15.09 10.85 -20.21
N GLY D 76 -15.75 11.95 -20.56
CA GLY D 76 -16.06 12.97 -19.58
C GLY D 76 -17.50 13.41 -19.60
N ASP D 77 -17.98 13.84 -18.45
CA ASP D 77 -19.33 14.41 -18.33
C ASP D 77 -19.42 15.21 -17.04
N SER D 78 -20.26 16.24 -17.04
CA SER D 78 -20.43 17.13 -15.89
C SER D 78 -19.08 17.69 -15.42
N ASP D 79 -18.69 17.37 -14.19
CA ASP D 79 -17.41 17.82 -13.65
C ASP D 79 -16.35 16.73 -13.57
N GLU D 80 -16.57 15.61 -14.24
CA GLU D 80 -15.60 14.51 -14.19
C GLU D 80 -15.07 14.09 -15.56
N TYR D 81 -13.87 13.53 -15.57
CA TYR D 81 -13.26 13.02 -16.80
C TYR D 81 -12.39 11.81 -16.49
N SER D 82 -12.55 10.75 -17.27
CA SER D 82 -11.80 9.52 -17.07
C SER D 82 -10.83 9.24 -18.23
N PHE D 83 -9.60 8.88 -17.89
CA PHE D 83 -8.59 8.61 -18.91
C PHE D 83 -8.05 7.18 -18.86
N LEU D 84 -8.11 6.51 -20.01
CA LEU D 84 -7.61 5.16 -20.15
C LEU D 84 -6.18 5.14 -20.69
N LEU D 85 -5.28 4.61 -19.89
CA LEU D 85 -3.90 4.39 -20.27
C LEU D 85 -3.70 2.91 -20.55
N ARG D 86 -3.13 2.63 -21.72
CA ARG D 86 -2.86 1.27 -22.19
C ARG D 86 -2.02 0.47 -21.19
N LYS D 87 -2.29 -0.83 -21.12
CA LYS D 87 -1.73 -1.69 -20.08
C LYS D 87 -0.20 -1.67 -19.95
N ASN D 88 0.52 -1.36 -21.02
CA ASN D 88 1.99 -1.36 -20.97
C ASN D 88 2.61 0.04 -20.88
N CYS D 89 1.83 1.03 -20.46
CA CYS D 89 2.33 2.39 -20.29
C CYS D 89 3.43 2.48 -19.22
N GLN D 90 4.47 3.27 -19.49
CA GLN D 90 5.60 3.41 -18.56
C GLN D 90 5.85 4.85 -18.12
N LEU D 91 4.86 5.72 -18.30
CA LEU D 91 4.95 7.12 -17.90
C LEU D 91 5.27 7.28 -16.41
N TYR D 92 6.37 7.98 -16.13
CA TYR D 92 6.87 8.18 -14.75
C TYR D 92 7.08 6.84 -14.05
N GLU D 93 7.40 5.81 -14.83
CA GLU D 93 7.59 4.44 -14.35
C GLU D 93 6.36 3.90 -13.61
N ARG D 94 5.17 4.37 -14.01
CA ARG D 94 3.92 3.95 -13.40
C ARG D 94 3.82 4.31 -11.92
N ARG D 95 4.42 5.44 -11.54
CA ARG D 95 4.32 5.97 -10.18
C ARG D 95 2.96 6.64 -9.99
N GLU D 96 2.19 6.12 -9.05
CA GLU D 96 0.83 6.57 -8.83
C GLU D 96 0.72 8.07 -8.54
N MET D 97 1.55 8.53 -7.60
CA MET D 97 1.54 9.94 -7.17
C MET D 97 1.79 10.89 -8.31
N LYS D 98 2.83 10.58 -9.09
CA LYS D 98 3.21 11.43 -10.21
C LYS D 98 2.07 11.50 -11.22
N LEU D 99 1.49 10.35 -11.56
CA LEU D 99 0.42 10.31 -12.53
C LEU D 99 -0.78 11.14 -12.09
N THR D 100 -1.22 10.92 -10.85
CA THR D 100 -2.43 11.57 -10.38
C THR D 100 -2.26 13.06 -10.12
N THR D 101 -1.18 13.45 -9.45
CA THR D 101 -0.98 14.87 -9.18
C THR D 101 -0.70 15.62 -10.49
N LEU D 102 -0.03 14.97 -11.42
CA LEU D 102 0.23 15.57 -12.72
C LEU D 102 -1.07 15.78 -13.48
N PHE D 103 -1.92 14.76 -13.47
CA PHE D 103 -3.22 14.88 -14.13
C PHE D 103 -4.08 15.98 -13.54
N SER D 104 -4.07 16.10 -12.21
CA SER D 104 -4.87 17.13 -11.56
C SER D 104 -4.35 18.52 -11.90
N SER D 105 -3.04 18.66 -11.89
CA SER D 105 -2.42 19.94 -12.19
C SER D 105 -2.71 20.34 -13.63
N LEU D 106 -2.53 19.40 -14.55
CA LEU D 106 -2.75 19.66 -15.96
C LEU D 106 -4.19 20.02 -16.26
N MET D 107 -5.13 19.21 -15.78
CA MET D 107 -6.54 19.49 -16.00
C MET D 107 -6.95 20.84 -15.42
N SER D 108 -6.46 21.15 -14.23
CA SER D 108 -6.77 22.43 -13.59
C SER D 108 -6.26 23.62 -14.40
N THR D 109 -4.98 23.56 -14.77
CA THR D 109 -4.38 24.66 -15.51
C THR D 109 -5.03 24.85 -16.88
N TYR D 110 -5.21 23.74 -17.60
CA TYR D 110 -5.84 23.79 -18.92
C TYR D 110 -7.26 24.32 -18.82
N TYR D 111 -7.97 23.93 -17.77
CA TYR D 111 -9.31 24.45 -17.54
C TYR D 111 -9.25 25.95 -17.36
N MET D 112 -8.30 26.43 -16.56
CA MET D 112 -8.15 27.87 -16.38
C MET D 112 -7.91 28.60 -17.69
N TYR D 113 -7.02 28.04 -18.51
CA TYR D 113 -6.67 28.66 -19.79
C TYR D 113 -7.87 28.73 -20.74
N PHE D 114 -8.49 27.58 -21.03
CA PHE D 114 -9.63 27.56 -21.93
C PHE D 114 -10.79 28.35 -21.36
N TRP D 115 -10.83 28.50 -20.04
CA TRP D 115 -11.84 29.35 -19.42
C TRP D 115 -11.56 30.79 -19.82
N SER D 116 -10.28 31.18 -19.75
CA SER D 116 -9.89 32.52 -20.17
C SER D 116 -10.19 32.76 -21.65
N GLN D 117 -10.24 31.68 -22.42
CA GLN D 117 -10.54 31.79 -23.85
C GLN D 117 -12.04 31.85 -24.17
N TYR D 118 -12.83 31.02 -23.50
CA TYR D 118 -14.27 30.95 -23.77
C TYR D 118 -15.05 32.00 -22.98
N PHE D 119 -14.55 32.35 -21.81
CA PHE D 119 -15.21 33.32 -20.95
C PHE D 119 -14.34 34.54 -20.64
N PRO D 120 -14.11 35.41 -21.64
CA PRO D 120 -13.38 36.65 -21.35
C PRO D 120 -14.23 37.57 -20.48
N ASP D 121 -15.54 37.35 -20.53
CA ASP D 121 -16.52 38.12 -19.78
C ASP D 121 -16.55 37.78 -18.30
N LYS D 122 -16.16 36.54 -17.96
CA LYS D 122 -16.19 36.07 -16.59
C LYS D 122 -14.80 35.72 -16.05
N PRO D 123 -13.99 36.74 -15.69
CA PRO D 123 -12.66 36.44 -15.14
C PRO D 123 -12.74 35.66 -13.84
N LEU D 124 -11.84 34.71 -13.65
CA LEU D 124 -11.87 33.84 -12.49
C LEU D 124 -11.49 34.56 -11.21
N HIS D 125 -12.20 34.23 -10.13
CA HIS D 125 -11.94 34.82 -8.82
C HIS D 125 -11.02 33.87 -8.04
N ILE D 126 -10.08 34.44 -7.31
CA ILE D 126 -9.08 33.66 -6.56
C ILE D 126 -9.70 32.62 -5.61
N ASP D 127 -10.89 32.90 -5.10
CA ASP D 127 -11.51 31.99 -4.14
C ASP D 127 -12.35 30.93 -4.83
N HIS D 128 -12.44 31.01 -6.16
CA HIS D 128 -13.17 30.02 -6.93
C HIS D 128 -12.43 29.61 -8.19
N LEU D 129 -11.21 29.14 -8.01
CA LEU D 129 -10.44 28.60 -9.13
C LEU D 129 -10.81 27.14 -9.29
N PRO D 130 -10.77 26.62 -10.52
CA PRO D 130 -11.17 25.24 -10.75
C PRO D 130 -10.13 24.22 -10.28
N ASN D 131 -10.49 23.45 -9.26
CA ASN D 131 -9.62 22.38 -8.78
C ASN D 131 -10.19 21.00 -9.07
N PHE D 132 -9.31 20.05 -9.33
CA PHE D 132 -9.70 18.68 -9.62
C PHE D 132 -8.96 17.72 -8.72
N ASP D 133 -9.64 16.69 -8.22
CA ASP D 133 -8.93 15.59 -7.58
C ASP D 133 -8.71 14.52 -8.64
N ALA D 134 -7.97 13.49 -8.28
CA ALA D 134 -7.66 12.43 -9.23
C ALA D 134 -7.32 11.12 -8.55
N ARG D 135 -7.90 10.03 -9.04
CA ARG D 135 -7.57 8.71 -8.51
C ARG D 135 -7.26 7.75 -9.64
N ALA D 136 -6.32 6.85 -9.39
CA ALA D 136 -5.93 5.85 -10.38
C ALA D 136 -6.51 4.49 -9.99
N VAL D 137 -7.07 3.80 -10.96
CA VAL D 137 -7.67 2.49 -10.74
C VAL D 137 -7.09 1.49 -11.73
N LEU D 138 -6.71 0.33 -11.24
CA LEU D 138 -6.12 -0.70 -12.10
C LEU D 138 -7.13 -1.76 -12.52
N TYR D 139 -7.10 -2.11 -13.80
CA TYR D 139 -7.97 -3.16 -14.32
C TYR D 139 -7.17 -4.15 -15.16
N PRO D 140 -7.18 -5.42 -14.75
CA PRO D 140 -6.36 -6.49 -15.33
C PRO D 140 -6.91 -7.02 -16.65
N ASP D 141 -8.19 -6.81 -16.90
CA ASP D 141 -8.81 -7.29 -18.14
C ASP D 141 -9.64 -6.20 -18.82
N PHE D 142 -9.59 -6.17 -20.15
CA PHE D 142 -10.29 -5.14 -20.93
C PHE D 142 -11.81 -5.12 -20.77
N LYS D 143 -12.38 -6.28 -20.45
CA LYS D 143 -13.82 -6.37 -20.23
C LYS D 143 -14.22 -5.41 -19.12
N HIS D 144 -13.31 -5.21 -18.18
CA HIS D 144 -13.52 -4.28 -17.08
C HIS D 144 -13.40 -2.84 -17.55
N ILE D 145 -12.63 -2.60 -18.60
CA ILE D 145 -12.55 -1.26 -19.16
C ILE D 145 -13.89 -0.91 -19.81
N ARG D 146 -14.38 -1.84 -20.63
CA ARG D 146 -15.68 -1.66 -21.27
C ARG D 146 -16.77 -1.44 -20.23
N ASN D 147 -16.77 -2.27 -19.20
CA ASN D 147 -17.75 -2.15 -18.13
C ASN D 147 -17.60 -0.88 -17.32
N TYR D 148 -16.38 -0.37 -17.20
CA TYR D 148 -16.15 0.89 -16.49
C TYR D 148 -16.78 2.05 -17.23
N PHE D 149 -16.41 2.19 -18.50
CA PHE D 149 -16.92 3.32 -19.27
C PHE D 149 -18.43 3.17 -19.43
N SER D 150 -18.90 1.93 -19.45
CA SER D 150 -20.34 1.67 -19.44
C SER D 150 -20.96 2.23 -18.17
N TRP D 151 -20.34 1.92 -17.03
CA TRP D 151 -20.79 2.43 -15.75
C TRP D 151 -20.88 3.96 -15.76
N ARG D 152 -19.83 4.61 -16.22
CA ARG D 152 -19.80 6.07 -16.22
C ARG D 152 -20.87 6.64 -17.13
N GLN D 153 -21.11 6.00 -18.27
CA GLN D 153 -22.12 6.50 -19.20
C GLN D 153 -23.54 6.33 -18.65
N VAL D 154 -23.78 5.22 -17.98
CA VAL D 154 -25.06 5.01 -17.31
C VAL D 154 -25.28 6.05 -16.22
N ASP D 155 -24.22 6.32 -15.47
CA ASP D 155 -24.26 7.30 -14.39
C ASP D 155 -24.58 8.66 -14.99
N CYS D 156 -24.03 8.92 -16.16
CA CYS D 156 -24.30 10.14 -16.91
C CYS D 156 -25.76 10.24 -17.33
N HIS D 157 -26.32 9.14 -17.80
CA HIS D 157 -27.73 9.11 -18.20
C HIS D 157 -28.62 9.45 -17.01
N ILE D 158 -28.42 8.73 -15.90
CA ILE D 158 -29.20 8.98 -14.69
C ILE D 158 -29.10 10.42 -14.21
N ASN D 159 -27.87 10.91 -14.06
CA ASN D 159 -27.65 12.25 -13.55
C ASN D 159 -28.21 13.33 -14.46
N ASN D 160 -28.05 13.15 -15.77
CA ASN D 160 -28.61 14.12 -16.70
C ASN D 160 -30.13 14.12 -16.70
N LEU D 161 -30.74 12.95 -16.67
CA LEU D 161 -32.20 12.90 -16.61
C LEU D 161 -32.66 13.63 -15.35
N TYR D 162 -31.98 13.36 -14.25
CA TYR D 162 -32.32 14.02 -12.99
C TYR D 162 -32.20 15.53 -13.11
N ASN D 163 -31.07 16.02 -13.60
CA ASN D 163 -30.86 17.46 -13.68
C ASN D 163 -31.80 18.17 -14.66
N THR D 164 -32.09 17.54 -15.78
CA THR D 164 -33.01 18.15 -16.74
C THR D 164 -34.43 18.20 -16.17
N THR D 165 -34.89 17.11 -15.56
CA THR D 165 -36.23 17.10 -14.97
C THR D 165 -36.31 18.12 -13.84
N PHE D 166 -35.32 18.08 -12.96
CA PHE D 166 -35.20 19.00 -11.83
C PHE D 166 -35.25 20.46 -12.26
N TRP D 167 -34.32 20.85 -13.11
CA TRP D 167 -34.21 22.24 -13.52
C TRP D 167 -35.37 22.69 -14.40
N ASN D 168 -36.03 21.76 -15.07
CA ASN D 168 -37.28 22.13 -15.74
C ASN D 168 -38.36 22.37 -14.70
N LEU D 169 -38.32 21.64 -13.60
CA LEU D 169 -39.28 21.88 -12.52
C LEU D 169 -39.05 23.23 -11.83
N VAL D 170 -37.80 23.61 -11.58
CA VAL D 170 -37.55 24.91 -10.94
C VAL D 170 -37.72 26.08 -11.92
N LEU D 171 -37.22 25.93 -13.15
CA LEU D 171 -37.25 27.03 -14.10
C LEU D 171 -38.61 27.17 -14.79
N LYS D 172 -39.11 26.09 -15.35
CA LYS D 172 -40.34 26.14 -16.15
C LYS D 172 -41.62 26.24 -15.29
N LEU D 173 -41.72 25.40 -14.26
CA LEU D 173 -42.87 25.46 -13.36
C LEU D 173 -42.67 26.45 -12.22
N LYS D 174 -41.54 27.16 -12.26
CA LYS D 174 -41.20 28.19 -11.29
C LYS D 174 -41.14 27.66 -9.85
N MET D 175 -40.69 26.42 -9.68
CA MET D 175 -40.57 25.80 -8.36
C MET D 175 -39.29 26.19 -7.61
N THR D 176 -39.31 25.99 -6.30
CA THR D 176 -38.11 26.12 -5.46
C THR D 176 -37.32 24.81 -5.58
N PRO D 177 -35.97 24.89 -5.52
CA PRO D 177 -35.11 23.70 -5.57
C PRO D 177 -35.51 22.61 -4.55
N GLN D 178 -35.93 23.02 -3.37
CA GLN D 178 -36.38 22.06 -2.35
C GLN D 178 -37.69 21.38 -2.80
N GLN D 179 -38.56 22.15 -3.46
CA GLN D 179 -39.81 21.62 -3.97
C GLN D 179 -39.53 20.56 -5.03
N ALA D 180 -38.64 20.89 -5.95
CA ALA D 180 -38.25 19.95 -7.00
C ALA D 180 -37.60 18.72 -6.39
N GLU D 181 -36.78 18.93 -5.36
CA GLU D 181 -36.10 17.83 -4.68
C GLU D 181 -37.08 16.85 -4.07
N GLN D 182 -38.07 17.39 -3.36
CA GLN D 182 -39.11 16.57 -2.76
C GLN D 182 -39.97 15.89 -3.83
N ARG D 183 -40.20 16.62 -4.92
CA ARG D 183 -41.01 16.13 -6.04
C ARG D 183 -40.36 14.93 -6.71
N LEU D 184 -39.02 14.94 -6.79
CA LEU D 184 -38.29 13.87 -7.44
C LEU D 184 -37.99 12.70 -6.52
N MET D 185 -38.33 12.87 -5.23
CA MET D 185 -38.17 11.78 -4.28
C MET D 185 -39.03 10.60 -4.65
N GLY D 186 -38.41 9.42 -4.73
CA GLY D 186 -39.13 8.20 -5.02
C GLY D 186 -39.61 8.10 -6.46
N THR D 187 -39.09 8.98 -7.31
CA THR D 187 -39.44 8.98 -8.73
C THR D 187 -38.51 8.08 -9.52
N VAL D 188 -39.05 7.42 -10.52
CA VAL D 188 -38.27 6.53 -11.38
C VAL D 188 -38.16 7.19 -12.76
N ALA D 189 -37.28 6.65 -13.61
CA ALA D 189 -37.06 7.18 -14.95
C ALA D 189 -38.37 7.48 -15.70
N SER D 190 -39.31 6.55 -15.63
CA SER D 190 -40.59 6.70 -16.30
C SER D 190 -41.36 7.90 -15.76
N ASP D 191 -41.34 8.04 -14.44
CA ASP D 191 -42.02 9.13 -13.78
C ASP D 191 -41.38 10.46 -14.17
N LYS D 192 -40.06 10.48 -14.25
CA LYS D 192 -39.35 11.69 -14.65
C LYS D 192 -39.67 12.09 -16.09
N ASN D 193 -39.74 11.09 -16.97
CA ASN D 193 -40.07 11.30 -18.37
C ASN D 193 -41.46 11.88 -18.54
N GLU D 194 -42.41 11.30 -17.81
CA GLU D 194 -43.79 11.76 -17.83
C GLU D 194 -43.93 13.16 -17.23
N ILE D 195 -43.16 13.45 -16.18
CA ILE D 195 -43.17 14.81 -15.62
C ILE D 195 -42.66 15.83 -16.64
N LEU D 196 -41.54 15.52 -17.29
CA LEU D 196 -41.00 16.42 -18.31
C LEU D 196 -42.00 16.64 -19.45
N PHE D 197 -42.54 15.53 -19.94
CA PHE D 197 -43.45 15.52 -21.08
C PHE D 197 -44.78 16.20 -20.79
N LYS D 198 -45.50 15.71 -19.79
CA LYS D 198 -46.83 16.21 -19.46
C LYS D 198 -46.79 17.60 -18.81
N GLU D 199 -45.87 17.80 -17.88
CA GLU D 199 -45.86 19.04 -17.10
C GLU D 199 -44.95 20.13 -17.66
N CYS D 200 -43.84 19.76 -18.28
CA CYS D 200 -42.92 20.76 -18.80
C CYS D 200 -42.99 20.86 -20.33
N GLY D 201 -43.62 19.86 -20.95
CA GLY D 201 -43.72 19.81 -22.39
C GLY D 201 -42.36 19.55 -23.01
N VAL D 202 -41.57 18.71 -22.33
CA VAL D 202 -40.23 18.39 -22.80
C VAL D 202 -40.05 16.90 -23.06
N ASN D 203 -39.63 16.59 -24.28
CA ASN D 203 -39.28 15.22 -24.65
C ASN D 203 -37.77 15.01 -24.46
N TYR D 204 -37.41 14.22 -23.46
CA TYR D 204 -36.00 14.00 -23.12
C TYR D 204 -35.19 13.50 -24.32
N ASN D 205 -35.78 12.59 -25.09
CA ASN D 205 -35.06 12.00 -26.22
C ASN D 205 -34.55 13.03 -27.22
N ASN D 206 -35.19 14.20 -27.25
CA ASN D 206 -34.82 15.26 -28.17
C ASN D 206 -33.67 16.15 -27.66
N GLU D 207 -33.22 15.90 -26.44
CA GLU D 207 -32.10 16.63 -25.86
C GLU D 207 -30.84 16.36 -26.66
N SER D 208 -29.90 17.30 -26.60
CA SER D 208 -28.61 17.17 -27.27
C SER D 208 -27.94 15.84 -26.96
N GLU D 209 -27.37 15.20 -27.99
CA GLU D 209 -26.70 13.91 -27.82
C GLU D 209 -25.53 13.99 -26.85
N MET D 210 -24.80 15.12 -26.87
CA MET D 210 -23.70 15.30 -25.94
C MET D 210 -24.19 15.31 -24.49
N TYR D 211 -25.33 15.94 -24.25
CA TYR D 211 -25.85 16.04 -22.90
C TYR D 211 -26.30 14.69 -22.33
N LYS D 212 -26.98 13.88 -23.15
CA LYS D 212 -27.53 12.62 -22.67
C LYS D 212 -26.56 11.44 -22.77
N LYS D 213 -25.53 11.55 -23.61
CA LYS D 213 -24.57 10.46 -23.78
C LYS D 213 -23.20 10.81 -23.22
N GLY D 214 -22.94 12.08 -22.99
CA GLY D 214 -21.63 12.51 -22.52
C GLY D 214 -20.68 12.70 -23.68
N THR D 215 -19.38 12.79 -23.38
CA THR D 215 -18.38 13.06 -24.42
C THR D 215 -17.30 11.97 -24.49
N ILE D 216 -17.05 11.46 -25.70
CA ILE D 216 -15.97 10.48 -25.88
C ILE D 216 -14.83 11.03 -26.76
N ILE D 217 -13.61 11.00 -26.24
CA ILE D 217 -12.44 11.35 -27.05
C ILE D 217 -11.58 10.13 -27.29
N VAL D 218 -11.45 9.71 -28.55
CA VAL D 218 -10.70 8.50 -28.86
C VAL D 218 -9.57 8.74 -29.85
N ARG D 219 -8.44 8.08 -29.62
CA ARG D 219 -7.34 8.15 -30.55
C ARG D 219 -7.63 7.24 -31.75
N GLU D 220 -7.77 7.86 -32.92
CA GLU D 220 -8.08 7.14 -34.15
C GLU D 220 -6.87 7.07 -35.07
N GLU D 248 -5.21 10.43 -35.09
CA GLU D 248 -6.21 11.48 -34.97
C GLU D 248 -7.02 11.31 -33.68
N LEU D 249 -7.44 12.44 -33.12
CA LEU D 249 -8.26 12.43 -31.92
C LEU D 249 -9.69 12.80 -32.32
N LYS D 250 -10.62 11.87 -32.22
CA LYS D 250 -12.00 12.16 -32.64
C LYS D 250 -13.01 12.17 -31.50
N ILE D 251 -13.96 13.10 -31.57
CA ILE D 251 -14.98 13.27 -30.54
C ILE D 251 -16.34 12.69 -30.93
N TYR D 252 -16.90 11.87 -30.05
CA TYR D 252 -18.18 11.22 -30.28
C TYR D 252 -19.17 11.48 -29.14
N HIS D 253 -20.46 11.40 -29.48
CA HIS D 253 -21.52 11.47 -28.50
C HIS D 253 -22.49 10.34 -28.79
N VAL D 254 -21.99 9.11 -28.67
CA VAL D 254 -22.75 7.93 -29.06
C VAL D 254 -22.82 6.95 -27.90
N ASP D 255 -23.68 5.94 -28.02
CA ASP D 255 -23.76 4.88 -27.03
C ASP D 255 -22.59 3.91 -27.18
N ILE D 256 -21.92 3.59 -26.08
CA ILE D 256 -20.80 2.65 -26.13
C ILE D 256 -21.06 1.43 -25.25
N ILE D 257 -22.19 1.44 -24.56
CA ILE D 257 -22.56 0.35 -23.68
C ILE D 257 -22.87 -0.93 -24.46
N ASN D 258 -23.81 -0.84 -25.40
CA ASN D 258 -24.27 -2.03 -26.11
C ASN D 258 -23.68 -2.24 -27.50
N ASP D 259 -23.15 -1.17 -28.08
CA ASP D 259 -22.58 -1.23 -29.42
C ASP D 259 -21.20 -1.88 -29.37
N ASP D 260 -21.16 -3.20 -29.41
CA ASP D 260 -19.89 -3.94 -29.34
C ASP D 260 -18.96 -3.58 -30.48
N SER D 261 -19.53 -3.31 -31.65
CA SER D 261 -18.74 -3.01 -32.84
C SER D 261 -17.90 -1.75 -32.67
N TRP D 262 -18.39 -0.82 -31.84
CA TRP D 262 -17.68 0.42 -31.57
C TRP D 262 -16.32 0.12 -30.96
N TRP D 263 -16.31 -0.86 -30.07
CA TRP D 263 -15.06 -1.27 -29.44
C TRP D 263 -14.26 -2.19 -30.36
N LYS D 264 -14.93 -3.21 -30.89
CA LYS D 264 -14.29 -4.21 -31.75
C LYS D 264 -13.59 -3.58 -32.96
N SER D 265 -14.17 -2.51 -33.50
CA SER D 265 -13.57 -1.83 -34.64
C SER D 265 -12.35 -1.04 -34.23
N ARG D 266 -12.10 -0.98 -32.92
CA ARG D 266 -10.93 -0.28 -32.40
C ARG D 266 -10.10 -1.20 -31.51
N PRO D 267 -9.46 -2.21 -32.11
CA PRO D 267 -8.69 -3.21 -31.34
C PRO D 267 -7.45 -2.63 -30.69
N TRP D 268 -6.98 -1.49 -31.18
CA TRP D 268 -5.79 -0.87 -30.63
C TRP D 268 -5.97 -0.39 -29.18
N LEU D 269 -7.22 -0.32 -28.73
CA LEU D 269 -7.50 0.03 -27.34
C LEU D 269 -7.03 -1.04 -26.37
N LYS D 270 -7.13 -2.30 -26.78
CA LYS D 270 -6.72 -3.43 -25.93
C LYS D 270 -5.20 -3.51 -25.82
N ASP D 271 -4.50 -2.93 -26.79
CA ASP D 271 -3.05 -3.07 -26.87
C ASP D 271 -2.37 -1.82 -26.34
#